data_7E8D
#
_entry.id   7E8D
#
_cell.length_a   1.00
_cell.length_b   1.00
_cell.length_c   1.00
_cell.angle_alpha   90.00
_cell.angle_beta   90.00
_cell.angle_gamma   90.00
#
_symmetry.space_group_name_H-M   'P 1'
#
loop_
_entity.id
_entity.type
_entity.pdbx_description
1 polymer 'Histone H3.1'
2 polymer 'Histone H4'
3 polymer 'Histone H2A type 1'
4 polymer 'Histone H2B type 1-J'
5 polymer 'DNA (185-MER)'
6 polymer 'DNA (185-MER)'
7 polymer 'Histone-lysine N-methyltransferase NSD2'
8 non-polymer 'ZINC ION'
9 non-polymer SINEFUNGIN
#
loop_
_entity_poly.entity_id
_entity_poly.type
_entity_poly.pdbx_seq_one_letter_code
_entity_poly.pdbx_strand_id
1 'polypeptide(L)'
;ARTKQTARKSTGGKAPRKQLATKAARKSAPATGGVMKPHRYRPGTVALREIRRYQKSTELLIRKLPFQRLVREIAQDFKT
DLRFQSSAVMALQEACEAYLVGLFEDTNLCAIHAKRVTIMPKDIQLARRIRGERA
;
A,E
2 'polypeptide(L)'
;SGRGKGGKGLGKGGAKRHRKVLRDNIQGITKPAIRRLARRGGVKRISGLIYEETRGVLKVFLENVIRDAVTYTEHAKRKT
VTAMDVVYALKRQGRTLYGFGG
;
B,F
3 'polypeptide(L)'
;SGRGKQGGKARAKAKTRSSRAGLQFPVGRVHRLLRKGNYAERVGAGAPVYLAAVLEYLTAEILELAGNAARDNKKTRIIP
RHLQLAIRNDEELNKLLGKVTIAQGGVLPNIQAVLLPKKTESHHKAKGK
;
C,G
4 'polypeptide(L)'
;PEPAKSAPAPKKGSKKAVTKAQKKDGKKRKRSRKESYSIYVYKVLKQVHPDTGISSKAMGIMNSFVNDIFERIAGEASRL
AHYNKRSTITSREIQTAVRLLLPGELAKHAVSEGTKAVTKYTSAK
;
D,H
5 'polydeoxyribonucleotide'
;(DG)(DA)(DC)(DC)(DC)(DT)(DA)(DT)(DA)(DC)(DG)(DC)(DG)(DG)(DC)(DC)(DG)(DC)(DC)(DC)
(DT)(DG)(DG)(DA)(DG)(DA)(DA)(DT)(DC)(DC)(DC)(DG)(DG)(DT)(DG)(DC)(DC)(DG)(DA)(DG)
(DG)(DC)(DC)(DG)(DC)(DT)(DC)(DA)(DA)(DT)(DT)(DG)(DG)(DT)(DC)(DG)(DT)(DA)(DG)(DA)
(DC)(DA)(DG)(DC)(DT)(DC)(DT)(DA)(DG)(DC)(DA)(DC)(DC)(DG)(DC)(DT)(DT)(DA)(DA)(DA)
(DC)(DG)(DC)(DA)(DC)(DG)(DT)(DA)(DC)(DG)(DC)(DG)(DC)(DT)(DG)(DT)(DC)(DC)(DC)(DC)
(DC)(DG)(DC)(DG)(DT)(DT)(DT)(DT)(DA)(DA)(DC)(DC)(DG)(DC)(DC)(DA)(DA)(DG)(DG)(DG)
(DG)(DA)(DT)(DT)(DA)(DC)(DT)(DC)(DC)(DC)(DT)(DA)(DG)(DT)(DC)(DT)(DC)(DC)(DA)(DG)
(DG)(DC)(DA)(DC)(DG)(DT)(DG)(DT)(DC)(DA)(DG)(DA)(DT)(DA)(DT)(DA)(DT)(DA)(DC)(DA)
(DT)(DC)(DC)(DT)(DG)(DT)(DG)(DC)(DA)(DT)(DG)(DT)(DA)(DT)(DT)(DG)(DA)(DA)(DC)(DA)
(DG)(DC)(DG)(DA)(DC)
;
I
6 'polydeoxyribonucleotide'
;(DG)(DT)(DC)(DG)(DC)(DT)(DG)(DT)(DT)(DC)(DA)(DA)(DT)(DA)(DC)(DA)(DT)(DG)(DC)(DA)
(DC)(DA)(DG)(DG)(DA)(DT)(DG)(DT)(DA)(DT)(DA)(DT)(DA)(DT)(DC)(DT)(DG)(DA)(DC)(DA)
(DC)(DG)(DT)(DG)(DC)(DC)(DT)(DG)(DG)(DA)(DG)(DA)(DC)(DT)(DA)(DG)(DG)(DG)(DA)(DG)
(DT)(DA)(DA)(DT)(DC)(DC)(DC)(DC)(DT)(DT)(DG)(DG)(DC)(DG)(DG)(DT)(DT)(DA)(DA)(DA)
(DA)(DC)(DG)(DC)(DG)(DG)(DG)(DG)(DG)(DA)(DC)(DA)(DG)(DC)(DG)(DC)(DG)(DT)(DA)(DC)
(DG)(DT)(DG)(DC)(DG)(DT)(DT)(DT)(DA)(DA)(DG)(DC)(DG)(DG)(DT)(DG)(DC)(DT)(DA)(DG)
(DA)(DG)(DC)(DT)(DG)(DT)(DC)(DT)(DA)(DC)(DG)(DA)(DC)(DC)(DA)(DA)(DT)(DT)(DG)(DA)
(DG)(DC)(DG)(DG)(DC)(DC)(DT)(DC)(DG)(DG)(DC)(DA)(DC)(DC)(DG)(DG)(DG)(DA)(DT)(DT)
(DC)(DT)(DC)(DC)(DA)(DG)(DG)(DG)(DC)(DG)(DG)(DC)(DC)(DG)(DC)(DG)(DT)(DA)(DT)(DA)
(DG)(DG)(DG)(DT)(DC)
;
J
7 'polypeptide(L)'
;KLQREARETQESERKPPPYKHIKVNKPYGKVQIYTADISEIPKCNCKPTDENPCGFDSECLNRMLMFECHPQVCPAGEFC
QNQCFTKRQYPETKIIKTDGKGWGLVAKRDIRKGEFVNEYVGELIDKEECMARIKHAHENDITHFYMLTIDKDRIIDAGP
KGNYSRFMNHSCQPNCETLKWTVNGDTRVGLFAVCDIPAGTELTFNYNLDCLGNEKTVCRCGASNCSGFLGDRPKTSTTL
SSEEKGKKTKKKTR
;
K
#
# COMPACT_ATOMS: atom_id res chain seq x y z
N PRO A 38 -5.88 -22.30 -50.39
CA PRO A 38 -5.53 -23.21 -49.30
C PRO A 38 -4.37 -22.71 -48.45
N HIS A 39 -3.61 -21.75 -48.97
CA HIS A 39 -2.54 -21.18 -48.17
C HIS A 39 -3.12 -20.46 -46.97
N ARG A 40 -2.46 -20.61 -45.82
CA ARG A 40 -2.98 -20.06 -44.58
C ARG A 40 -1.85 -19.96 -43.59
N TYR A 41 -1.72 -18.78 -42.98
CA TYR A 41 -0.66 -18.53 -42.02
C TYR A 41 -0.91 -19.31 -40.74
N ARG A 42 0.13 -19.48 -39.96
CA ARG A 42 0.03 -20.25 -38.75
C ARG A 42 -0.50 -19.39 -37.61
N PRO A 43 -1.19 -19.99 -36.64
CA PRO A 43 -1.92 -19.21 -35.66
C PRO A 43 -1.03 -18.47 -34.69
N GLY A 44 -0.67 -17.24 -35.03
CA GLY A 44 0.14 -16.44 -34.17
C GLY A 44 1.06 -15.52 -34.93
N THR A 45 1.10 -15.67 -36.25
CA THR A 45 1.91 -14.76 -37.05
C THR A 45 1.13 -13.54 -37.48
N VAL A 46 -0.16 -13.66 -37.75
CA VAL A 46 -0.94 -12.47 -38.03
C VAL A 46 -1.11 -11.64 -36.77
N ALA A 47 -1.14 -12.29 -35.60
CA ALA A 47 -1.22 -11.54 -34.36
C ALA A 47 0.03 -10.70 -34.15
N LEU A 48 1.20 -11.26 -34.43
CA LEU A 48 2.43 -10.47 -34.33
C LEU A 48 2.49 -9.38 -35.38
N ARG A 49 2.02 -9.69 -36.59
CA ARG A 49 1.91 -8.66 -37.62
C ARG A 49 1.08 -7.49 -37.14
N GLU A 50 -0.07 -7.78 -36.55
CA GLU A 50 -0.94 -6.73 -36.03
C GLU A 50 -0.30 -5.99 -34.87
N ILE A 51 0.41 -6.70 -34.00
CA ILE A 51 1.11 -6.03 -32.92
C ILE A 51 2.05 -4.98 -33.49
N ARG A 52 2.82 -5.35 -34.50
CA ARG A 52 3.75 -4.39 -35.09
C ARG A 52 3.02 -3.26 -35.79
N ARG A 53 1.94 -3.59 -36.50
CA ARG A 53 1.20 -2.55 -37.21
C ARG A 53 0.59 -1.53 -36.27
N TYR A 54 0.10 -1.95 -35.11
CA TYR A 54 -0.53 -1.02 -34.20
C TYR A 54 0.42 -0.39 -33.21
N GLN A 55 1.58 -0.98 -32.99
CA GLN A 55 2.61 -0.27 -32.24
C GLN A 55 3.39 0.69 -33.11
N LYS A 56 3.25 0.62 -34.43
CA LYS A 56 3.85 1.60 -35.30
C LYS A 56 2.96 2.81 -35.51
N SER A 57 1.65 2.64 -35.42
CA SER A 57 0.71 3.70 -35.74
C SER A 57 0.43 4.56 -34.52
N THR A 58 -0.02 5.79 -34.80
CA THR A 58 -0.45 6.75 -33.78
C THR A 58 -1.83 7.20 -34.23
N GLU A 59 -2.85 6.46 -33.83
CA GLU A 59 -4.21 6.75 -34.27
C GLU A 59 -5.16 6.14 -33.27
N LEU A 60 -6.41 6.57 -33.33
CA LEU A 60 -7.42 6.09 -32.41
C LEU A 60 -7.99 4.79 -32.95
N LEU A 61 -8.07 3.78 -32.08
CA LEU A 61 -8.48 2.46 -32.48
C LEU A 61 -9.95 2.17 -32.23
N ILE A 62 -10.60 2.93 -31.40
CA ILE A 62 -12.05 2.85 -31.23
C ILE A 62 -12.70 3.73 -32.27
N ARG A 63 -13.89 3.34 -32.70
CA ARG A 63 -14.62 4.18 -33.64
C ARG A 63 -15.03 5.48 -32.94
N LYS A 64 -15.43 6.46 -33.73
CA LYS A 64 -15.76 7.78 -33.18
C LYS A 64 -17.19 7.84 -32.67
N LEU A 65 -18.15 7.56 -33.54
CA LEU A 65 -19.55 7.65 -33.12
C LEU A 65 -19.91 6.72 -31.98
N PRO A 66 -19.50 5.45 -31.97
CA PRO A 66 -19.78 4.62 -30.79
C PRO A 66 -19.23 5.18 -29.49
N PHE A 67 -17.98 5.65 -29.50
CA PHE A 67 -17.42 6.21 -28.27
C PHE A 67 -18.15 7.47 -27.88
N GLN A 68 -18.55 8.28 -28.85
CA GLN A 68 -19.26 9.51 -28.54
C GLN A 68 -20.61 9.23 -27.91
N ARG A 69 -21.36 8.28 -28.46
CA ARG A 69 -22.64 7.91 -27.87
C ARG A 69 -22.44 7.35 -26.47
N LEU A 70 -21.40 6.55 -26.28
CA LEU A 70 -21.13 6.03 -24.95
C LEU A 70 -20.85 7.15 -23.96
N VAL A 71 -20.07 8.14 -24.37
CA VAL A 71 -19.75 9.25 -23.50
C VAL A 71 -21.00 10.03 -23.14
N ARG A 72 -21.86 10.29 -24.13
CA ARG A 72 -23.09 11.01 -23.83
C ARG A 72 -23.99 10.24 -22.89
N GLU A 73 -24.10 8.93 -23.07
CA GLU A 73 -24.98 8.17 -22.19
C GLU A 73 -24.39 8.02 -20.81
N ILE A 74 -23.07 8.06 -20.67
CA ILE A 74 -22.50 8.09 -19.33
C ILE A 74 -22.77 9.43 -18.67
N ALA A 75 -22.71 10.51 -19.45
CA ALA A 75 -22.91 11.84 -18.89
C ALA A 75 -24.37 12.14 -18.59
N GLN A 76 -25.31 11.40 -19.18
CA GLN A 76 -26.72 11.63 -18.87
C GLN A 76 -27.00 11.42 -17.39
N ASP A 77 -26.31 10.51 -16.74
CA ASP A 77 -26.52 10.22 -15.33
C ASP A 77 -25.77 11.15 -14.41
N PHE A 78 -25.35 12.32 -14.89
CA PHE A 78 -24.65 13.28 -14.07
C PHE A 78 -25.31 14.64 -14.20
N LYS A 79 -25.84 14.91 -15.38
CA LYS A 79 -26.60 16.12 -15.67
C LYS A 79 -27.23 15.96 -17.04
N THR A 80 -28.48 16.34 -17.16
CA THR A 80 -29.17 16.18 -18.43
C THR A 80 -28.90 17.37 -19.34
N ASP A 81 -29.14 17.15 -20.63
CA ASP A 81 -29.06 18.20 -21.64
C ASP A 81 -27.66 18.81 -21.72
N LEU A 82 -26.64 17.97 -21.59
CA LEU A 82 -25.27 18.44 -21.73
C LEU A 82 -24.88 18.56 -23.20
N ARG A 83 -24.03 19.54 -23.48
CA ARG A 83 -23.36 19.67 -24.76
C ARG A 83 -21.93 19.18 -24.60
N PHE A 84 -21.25 18.96 -25.71
CA PHE A 84 -19.89 18.49 -25.67
C PHE A 84 -19.09 19.13 -26.79
N GLN A 85 -18.05 19.87 -26.45
CA GLN A 85 -17.12 20.33 -27.46
C GLN A 85 -16.45 19.13 -28.11
N SER A 86 -16.22 19.23 -29.42
CA SER A 86 -15.62 18.12 -30.13
C SER A 86 -14.27 17.76 -29.53
N SER A 87 -13.49 18.77 -29.14
CA SER A 87 -12.22 18.51 -28.48
C SER A 87 -12.40 17.81 -27.15
N ALA A 88 -13.55 17.99 -26.50
CA ALA A 88 -13.78 17.29 -25.24
C ALA A 88 -13.91 15.80 -25.45
N VAL A 89 -14.75 15.39 -26.41
CA VAL A 89 -14.90 13.97 -26.67
C VAL A 89 -13.62 13.39 -27.24
N MET A 90 -12.89 14.16 -28.05
CA MET A 90 -11.62 13.66 -28.56
C MET A 90 -10.60 13.46 -27.44
N ALA A 91 -10.53 14.39 -26.49
CA ALA A 91 -9.61 14.22 -25.37
C ALA A 91 -10.00 13.03 -24.52
N LEU A 92 -11.30 12.84 -24.30
CA LEU A 92 -11.76 11.69 -23.55
C LEU A 92 -11.34 10.41 -24.24
N GLN A 93 -11.54 10.33 -25.55
CA GLN A 93 -11.16 9.11 -26.26
C GLN A 93 -9.67 8.86 -26.21
N GLU A 94 -8.87 9.91 -26.38
CA GLU A 94 -7.43 9.75 -26.29
C GLU A 94 -7.02 9.21 -24.92
N ALA A 95 -7.59 9.77 -23.86
CA ALA A 95 -7.24 9.31 -22.51
C ALA A 95 -7.70 7.89 -22.27
N CYS A 96 -8.90 7.53 -22.71
CA CYS A 96 -9.39 6.17 -22.48
C CYS A 96 -8.57 5.14 -23.23
N GLU A 97 -8.21 5.45 -24.47
CA GLU A 97 -7.38 4.53 -25.22
C GLU A 97 -6.01 4.37 -24.59
N ALA A 98 -5.41 5.48 -24.13
CA ALA A 98 -4.12 5.35 -23.46
C ALA A 98 -4.24 4.51 -22.20
N TYR A 99 -5.33 4.68 -21.46
CA TYR A 99 -5.57 3.89 -20.27
C TYR A 99 -5.64 2.41 -20.60
N LEU A 100 -6.42 2.05 -21.61
CA LEU A 100 -6.58 0.65 -21.93
C LEU A 100 -5.31 0.04 -22.50
N VAL A 101 -4.53 0.80 -23.26
CA VAL A 101 -3.28 0.27 -23.77
C VAL A 101 -2.30 -0.01 -22.64
N GLY A 102 -2.16 0.92 -21.70
CA GLY A 102 -1.30 0.65 -20.55
C GLY A 102 -1.78 -0.53 -19.74
N LEU A 103 -3.10 -0.64 -19.56
CA LEU A 103 -3.66 -1.74 -18.81
C LEU A 103 -3.38 -3.07 -19.49
N PHE A 104 -3.52 -3.11 -20.82
CA PHE A 104 -3.23 -4.35 -21.52
C PHE A 104 -1.76 -4.71 -21.47
N GLU A 105 -0.87 -3.72 -21.45
CA GLU A 105 0.54 -4.05 -21.26
C GLU A 105 0.77 -4.73 -19.92
N ASP A 106 0.20 -4.16 -18.85
CA ASP A 106 0.34 -4.79 -17.54
C ASP A 106 -0.30 -6.17 -17.49
N THR A 107 -1.46 -6.31 -18.15
CA THR A 107 -2.14 -7.60 -18.21
C THR A 107 -1.29 -8.63 -18.93
N ASN A 108 -0.63 -8.24 -20.01
CA ASN A 108 0.23 -9.16 -20.74
C ASN A 108 1.40 -9.59 -19.88
N LEU A 109 1.96 -8.67 -19.10
CA LEU A 109 3.01 -9.06 -18.17
C LEU A 109 2.49 -10.05 -17.14
N CYS A 110 1.27 -9.84 -16.64
CA CYS A 110 0.68 -10.77 -15.69
C CYS A 110 0.48 -12.15 -16.29
N ALA A 111 -0.01 -12.21 -17.54
CA ALA A 111 -0.21 -13.49 -18.19
C ALA A 111 1.11 -14.22 -18.39
N ILE A 112 2.14 -13.49 -18.81
CA ILE A 112 3.45 -14.09 -18.99
C ILE A 112 4.01 -14.58 -17.67
N HIS A 113 3.66 -13.90 -16.57
CA HIS A 113 4.11 -14.36 -15.26
C HIS A 113 3.58 -15.75 -14.95
N ALA A 114 2.32 -16.01 -15.27
CA ALA A 114 1.69 -17.30 -15.04
C ALA A 114 2.04 -18.31 -16.10
N LYS A 115 3.09 -18.03 -16.88
CA LYS A 115 3.56 -18.95 -17.92
C LYS A 115 2.48 -19.26 -18.94
N ARG A 116 1.73 -18.22 -19.31
CA ARG A 116 0.76 -18.30 -20.38
C ARG A 116 1.14 -17.30 -21.46
N VAL A 117 0.41 -17.35 -22.56
CA VAL A 117 0.57 -16.42 -23.66
C VAL A 117 -0.75 -15.68 -23.82
N THR A 118 -1.83 -16.36 -23.44
CA THR A 118 -3.16 -15.80 -23.49
C THR A 118 -3.42 -14.93 -22.28
N ILE A 119 -4.12 -13.83 -22.49
CA ILE A 119 -4.58 -12.99 -21.39
C ILE A 119 -6.01 -13.37 -21.06
N MET A 120 -6.32 -13.45 -19.78
CA MET A 120 -7.62 -13.86 -19.28
C MET A 120 -8.10 -12.80 -18.29
N PRO A 121 -9.38 -12.81 -17.93
CA PRO A 121 -9.88 -11.77 -17.02
C PRO A 121 -9.15 -11.69 -15.70
N LYS A 122 -8.68 -12.82 -15.17
CA LYS A 122 -7.95 -12.76 -13.91
C LYS A 122 -6.67 -11.97 -14.04
N ASP A 123 -6.10 -11.91 -15.23
CA ASP A 123 -4.90 -11.09 -15.43
C ASP A 123 -5.22 -9.62 -15.35
N ILE A 124 -6.33 -9.20 -15.97
CA ILE A 124 -6.76 -7.80 -15.84
C ILE A 124 -7.02 -7.48 -14.38
N GLN A 125 -7.66 -8.40 -13.66
CA GLN A 125 -7.97 -8.14 -12.27
C GLN A 125 -6.70 -8.02 -11.44
N LEU A 126 -5.71 -8.87 -11.68
CA LEU A 126 -4.46 -8.76 -10.93
C LEU A 126 -3.75 -7.45 -11.25
N ALA A 127 -3.73 -7.07 -12.53
CA ALA A 127 -3.07 -5.82 -12.89
C ALA A 127 -3.75 -4.64 -12.21
N ARG A 128 -5.08 -4.60 -12.22
CA ARG A 128 -5.79 -3.48 -11.62
C ARG A 128 -5.64 -3.48 -10.11
N ARG A 129 -5.63 -4.65 -9.49
CA ARG A 129 -5.43 -4.71 -8.04
C ARG A 129 -4.07 -4.19 -7.65
N ILE A 130 -3.02 -4.58 -8.39
CA ILE A 130 -1.68 -4.13 -8.03
C ILE A 130 -1.50 -2.65 -8.33
N ARG A 131 -2.11 -2.16 -9.41
CA ARG A 131 -2.01 -0.73 -9.71
C ARG A 131 -2.57 0.11 -8.57
N GLY A 132 -3.72 -0.28 -8.06
CA GLY A 132 -4.35 0.47 -7.00
C GLY A 132 -5.82 0.70 -7.27
N GLU A 133 -6.27 0.24 -8.43
CA GLU A 133 -7.67 0.40 -8.82
C GLU A 133 -8.51 -0.64 -8.09
N ARG A 134 -9.76 -0.79 -8.50
CA ARG A 134 -10.67 -1.68 -7.79
C ARG A 134 -11.14 -2.86 -8.65
N ARG B 23 -30.28 1.56 -24.21
CA ARG B 23 -29.25 1.85 -25.21
C ARG B 23 -27.91 1.26 -24.81
N ASP B 24 -27.61 0.06 -25.32
CA ASP B 24 -26.39 -0.66 -24.99
C ASP B 24 -25.20 -0.06 -25.74
N ASN B 25 -24.89 1.19 -25.41
CA ASN B 25 -23.84 1.89 -26.13
C ASN B 25 -22.46 1.36 -25.80
N ILE B 26 -22.30 0.70 -24.64
CA ILE B 26 -21.01 0.10 -24.32
C ILE B 26 -20.67 -1.03 -25.27
N GLN B 27 -21.67 -1.63 -25.91
CA GLN B 27 -21.42 -2.66 -26.91
C GLN B 27 -20.85 -2.09 -28.20
N GLY B 28 -20.86 -0.78 -28.37
CA GLY B 28 -20.20 -0.17 -29.51
C GLY B 28 -18.70 -0.14 -29.40
N ILE B 29 -18.16 -0.47 -28.24
CA ILE B 29 -16.70 -0.70 -28.11
C ILE B 29 -16.51 -2.16 -28.47
N THR B 30 -16.44 -2.40 -29.77
CA THR B 30 -16.62 -3.74 -30.30
C THR B 30 -15.45 -4.63 -29.95
N LYS B 31 -15.62 -5.91 -30.21
CA LYS B 31 -14.54 -6.87 -29.98
C LYS B 31 -13.31 -6.59 -30.83
N PRO B 32 -13.40 -6.32 -32.13
CA PRO B 32 -12.19 -5.95 -32.87
C PRO B 32 -11.51 -4.70 -32.35
N ALA B 33 -12.25 -3.72 -31.86
CA ALA B 33 -11.60 -2.53 -31.30
C ALA B 33 -10.79 -2.90 -30.06
N ILE B 34 -11.34 -3.76 -29.22
CA ILE B 34 -10.62 -4.21 -28.04
C ILE B 34 -9.41 -5.03 -28.45
N ARG B 35 -9.52 -5.80 -29.53
CA ARG B 35 -8.36 -6.53 -30.01
C ARG B 35 -7.27 -5.59 -30.50
N ARG B 36 -7.65 -4.51 -31.17
CA ARG B 36 -6.66 -3.54 -31.61
C ARG B 36 -5.97 -2.89 -30.42
N LEU B 37 -6.73 -2.51 -29.42
CA LEU B 37 -6.11 -1.93 -28.22
C LEU B 37 -5.22 -2.93 -27.53
N ALA B 38 -5.55 -4.21 -27.61
CA ALA B 38 -4.69 -5.22 -27.03
C ALA B 38 -3.42 -5.40 -27.84
N ARG B 39 -3.53 -5.33 -29.16
CA ARG B 39 -2.36 -5.43 -30.02
C ARG B 39 -1.39 -4.30 -29.77
N ARG B 40 -1.89 -3.07 -29.66
CA ARG B 40 -0.99 -1.97 -29.35
C ARG B 40 -0.37 -2.12 -27.97
N GLY B 41 -0.94 -2.96 -27.12
CA GLY B 41 -0.33 -3.28 -25.84
C GLY B 41 0.62 -4.43 -25.87
N GLY B 42 0.78 -5.09 -27.01
CA GLY B 42 1.68 -6.21 -27.13
C GLY B 42 1.06 -7.56 -26.90
N VAL B 43 -0.26 -7.65 -26.88
CA VAL B 43 -0.96 -8.87 -26.50
C VAL B 43 -1.16 -9.73 -27.73
N LYS B 44 -0.67 -10.96 -27.66
CA LYS B 44 -0.69 -11.87 -28.81
C LYS B 44 -1.96 -12.70 -28.88
N ARG B 45 -2.36 -13.34 -27.80
CA ARG B 45 -3.53 -14.20 -27.77
C ARG B 45 -4.49 -13.70 -26.70
N ILE B 46 -5.79 -13.73 -27.00
CA ILE B 46 -6.79 -13.07 -26.17
C ILE B 46 -7.91 -14.05 -25.85
N SER B 47 -8.15 -14.29 -24.58
CA SER B 47 -9.28 -15.10 -24.18
C SER B 47 -10.59 -14.41 -24.53
N GLY B 48 -11.62 -15.20 -24.78
CA GLY B 48 -12.89 -14.67 -25.19
C GLY B 48 -13.70 -14.03 -24.10
N LEU B 49 -13.23 -14.10 -22.86
CA LEU B 49 -13.87 -13.44 -21.74
C LEU B 49 -13.30 -12.07 -21.48
N ILE B 50 -12.32 -11.64 -22.27
CA ILE B 50 -11.66 -10.37 -22.06
C ILE B 50 -12.54 -9.20 -22.48
N TYR B 51 -13.47 -9.43 -23.39
CA TYR B 51 -14.20 -8.29 -23.94
C TYR B 51 -15.18 -7.70 -22.93
N GLU B 52 -15.93 -8.53 -22.22
CA GLU B 52 -16.81 -7.99 -21.20
C GLU B 52 -16.03 -7.37 -20.06
N GLU B 53 -14.94 -8.00 -19.65
CA GLU B 53 -14.10 -7.44 -18.58
C GLU B 53 -13.57 -6.08 -18.98
N THR B 54 -13.12 -5.94 -20.22
CA THR B 54 -12.57 -4.67 -20.68
C THR B 54 -13.64 -3.62 -20.85
N ARG B 55 -14.84 -4.00 -21.25
CA ARG B 55 -15.93 -3.05 -21.29
C ARG B 55 -16.26 -2.54 -19.91
N GLY B 56 -16.23 -3.41 -18.91
CA GLY B 56 -16.47 -2.96 -17.54
C GLY B 56 -15.38 -2.02 -17.04
N VAL B 57 -14.13 -2.35 -17.32
CA VAL B 57 -13.01 -1.50 -16.90
C VAL B 57 -13.10 -0.13 -17.56
N LEU B 58 -13.36 -0.12 -18.87
CA LEU B 58 -13.49 1.12 -19.59
C LEU B 58 -14.65 1.95 -19.07
N LYS B 59 -15.79 1.32 -18.79
CA LYS B 59 -16.92 2.08 -18.30
C LYS B 59 -16.63 2.70 -16.95
N VAL B 60 -15.96 1.97 -16.06
CA VAL B 60 -15.61 2.55 -14.77
C VAL B 60 -14.72 3.76 -14.94
N PHE B 61 -13.66 3.63 -15.75
CA PHE B 61 -12.74 4.74 -15.93
C PHE B 61 -13.44 5.94 -16.52
N LEU B 62 -14.25 5.71 -17.57
CA LEU B 62 -14.98 6.80 -18.20
C LEU B 62 -15.93 7.46 -17.23
N GLU B 63 -16.60 6.68 -16.38
CA GLU B 63 -17.52 7.26 -15.42
C GLU B 63 -16.80 8.18 -14.46
N ASN B 64 -15.64 7.77 -13.97
CA ASN B 64 -14.89 8.65 -13.07
C ASN B 64 -14.52 9.96 -13.76
N VAL B 65 -13.95 9.86 -14.96
CA VAL B 65 -13.48 11.08 -15.62
C VAL B 65 -14.64 11.99 -15.98
N ILE B 66 -15.74 11.42 -16.49
CA ILE B 66 -16.87 12.24 -16.87
C ILE B 66 -17.53 12.84 -15.65
N ARG B 67 -17.55 12.13 -14.52
CA ARG B 67 -18.08 12.71 -13.29
C ARG B 67 -17.31 13.96 -12.92
N ASP B 68 -15.98 13.88 -12.91
CA ASP B 68 -15.20 15.06 -12.53
C ASP B 68 -15.31 16.18 -13.56
N ALA B 69 -15.37 15.83 -14.85
CA ALA B 69 -15.52 16.85 -15.88
C ALA B 69 -16.85 17.57 -15.79
N VAL B 70 -17.93 16.84 -15.50
CA VAL B 70 -19.23 17.47 -15.34
C VAL B 70 -19.26 18.31 -14.08
N THR B 71 -18.55 17.90 -13.02
CA THR B 71 -18.44 18.77 -11.86
C THR B 71 -17.79 20.09 -12.23
N TYR B 72 -16.66 20.04 -12.94
CA TYR B 72 -16.01 21.27 -13.37
C TYR B 72 -16.92 22.11 -14.25
N THR B 73 -17.70 21.46 -15.10
CA THR B 73 -18.59 22.18 -16.00
C THR B 73 -19.68 22.90 -15.22
N GLU B 74 -20.31 22.20 -14.29
CA GLU B 74 -21.40 22.81 -13.52
C GLU B 74 -20.89 23.92 -12.62
N HIS B 75 -19.68 23.78 -12.09
CA HIS B 75 -19.16 24.86 -11.26
C HIS B 75 -19.00 26.15 -12.05
N ALA B 76 -18.73 26.06 -13.34
CA ALA B 76 -18.56 27.23 -14.17
C ALA B 76 -19.87 27.72 -14.77
N LYS B 77 -20.98 27.15 -14.35
CA LYS B 77 -22.33 27.50 -14.81
C LYS B 77 -22.54 27.22 -16.29
N ARG B 78 -21.71 26.39 -16.89
CA ARG B 78 -21.80 26.11 -18.31
C ARG B 78 -22.64 24.87 -18.55
N LYS B 79 -23.30 24.85 -19.70
CA LYS B 79 -24.05 23.70 -20.17
C LYS B 79 -23.28 22.90 -21.21
N THR B 80 -22.01 23.22 -21.42
CA THR B 80 -21.17 22.56 -22.40
C THR B 80 -19.91 22.08 -21.73
N VAL B 81 -19.59 20.79 -21.89
CA VAL B 81 -18.34 20.25 -21.37
C VAL B 81 -17.23 20.60 -22.35
N THR B 82 -16.22 21.32 -21.87
CA THR B 82 -15.12 21.75 -22.72
C THR B 82 -13.95 20.81 -22.57
N ALA B 83 -12.98 20.95 -23.47
CA ALA B 83 -11.80 20.10 -23.41
C ALA B 83 -10.98 20.35 -22.16
N MET B 84 -11.01 21.59 -21.65
CA MET B 84 -10.25 21.87 -20.44
C MET B 84 -10.86 21.18 -19.23
N ASP B 85 -12.17 21.02 -19.19
CA ASP B 85 -12.78 20.28 -18.08
C ASP B 85 -12.27 18.85 -18.05
N VAL B 86 -12.22 18.21 -19.21
CA VAL B 86 -11.67 16.86 -19.29
C VAL B 86 -10.21 16.87 -18.88
N VAL B 87 -9.45 17.86 -19.33
CA VAL B 87 -8.03 17.89 -19.02
C VAL B 87 -7.80 18.04 -17.53
N TYR B 88 -8.57 18.91 -16.88
CA TYR B 88 -8.46 19.08 -15.44
C TYR B 88 -8.88 17.83 -14.69
N ALA B 89 -9.95 17.17 -15.14
CA ALA B 89 -10.37 15.94 -14.49
C ALA B 89 -9.29 14.88 -14.58
N LEU B 90 -8.71 14.71 -15.76
CA LEU B 90 -7.64 13.75 -15.92
C LEU B 90 -6.46 14.10 -15.04
N LYS B 91 -6.06 15.37 -15.03
CA LYS B 91 -4.91 15.77 -14.24
C LYS B 91 -5.15 15.50 -12.76
N ARG B 92 -6.36 15.78 -12.28
CA ARG B 92 -6.63 15.52 -10.87
C ARG B 92 -6.76 14.04 -10.56
N GLN B 93 -7.02 13.21 -11.57
CA GLN B 93 -6.96 11.77 -11.36
C GLN B 93 -5.57 11.19 -11.59
N GLY B 94 -4.58 12.03 -11.89
CA GLY B 94 -3.23 11.56 -12.07
C GLY B 94 -2.92 11.02 -13.43
N ARG B 95 -3.68 11.41 -14.45
CA ARG B 95 -3.49 10.94 -15.81
C ARG B 95 -3.35 12.12 -16.76
N THR B 96 -2.44 13.04 -16.41
CA THR B 96 -2.18 14.24 -17.18
C THR B 96 -2.13 13.96 -18.68
N LEU B 97 -2.77 14.84 -19.46
CA LEU B 97 -2.93 14.67 -20.90
C LEU B 97 -2.44 15.91 -21.62
N TYR B 98 -1.35 15.79 -22.36
CA TYR B 98 -0.81 16.89 -23.15
C TYR B 98 -1.47 16.93 -24.51
N GLY B 99 -1.66 18.13 -25.03
CA GLY B 99 -2.13 18.31 -26.38
C GLY B 99 -3.54 18.84 -26.54
N PHE B 100 -4.22 19.17 -25.46
CA PHE B 100 -5.54 19.78 -25.57
C PHE B 100 -5.63 21.08 -24.77
N GLY B 101 -4.54 21.53 -24.18
CA GLY B 101 -4.55 22.74 -23.39
C GLY B 101 -4.05 22.49 -21.99
N ARG C 11 -18.45 47.51 22.90
CA ARG C 11 -18.84 46.68 21.77
C ARG C 11 -20.11 45.91 22.05
N ALA C 12 -20.13 44.65 21.62
CA ALA C 12 -21.31 43.81 21.74
C ALA C 12 -20.93 42.35 21.97
N LYS C 13 -20.01 42.09 22.92
CA LYS C 13 -19.84 40.77 23.50
C LYS C 13 -19.50 39.71 22.43
N ALA C 14 -18.25 39.80 21.95
CA ALA C 14 -17.73 38.95 20.88
C ALA C 14 -18.28 37.53 20.95
N LYS C 15 -18.64 36.99 19.78
CA LYS C 15 -19.45 35.78 19.72
C LYS C 15 -18.93 34.78 18.68
N THR C 16 -17.61 34.68 18.54
CA THR C 16 -16.92 33.44 18.15
C THR C 16 -17.61 32.63 17.05
N ARG C 17 -17.50 33.09 15.80
CA ARG C 17 -18.25 32.59 14.64
C ARG C 17 -18.57 31.10 14.65
N SER C 18 -17.65 30.27 15.14
CA SER C 18 -17.94 28.86 15.29
C SER C 18 -19.24 28.64 16.05
N SER C 19 -19.47 29.44 17.08
CA SER C 19 -20.73 29.34 17.80
C SER C 19 -21.89 29.68 16.89
N ARG C 20 -21.75 30.72 16.08
CA ARG C 20 -22.84 31.14 15.21
C ARG C 20 -23.16 30.11 14.15
N ALA C 21 -22.17 29.33 13.71
CA ALA C 21 -22.41 28.27 12.74
C ALA C 21 -22.86 26.97 13.39
N GLY C 22 -22.81 26.87 14.70
CA GLY C 22 -23.15 25.62 15.36
C GLY C 22 -22.07 24.58 15.22
N LEU C 23 -20.81 24.97 15.17
CA LEU C 23 -19.70 24.08 14.91
C LEU C 23 -18.80 23.95 16.14
N GLN C 24 -18.01 22.90 16.16
CA GLN C 24 -16.97 22.74 17.15
C GLN C 24 -15.62 23.16 16.66
N PHE C 25 -15.35 23.04 15.37
CA PHE C 25 -14.07 23.43 14.82
C PHE C 25 -13.97 24.95 14.71
N PRO C 26 -12.75 25.50 14.67
CA PRO C 26 -12.59 26.95 14.71
C PRO C 26 -12.82 27.57 13.34
N VAL C 27 -13.89 28.33 13.20
CA VAL C 27 -14.14 29.02 11.94
C VAL C 27 -13.13 30.14 11.74
N GLY C 28 -12.78 30.84 12.81
CA GLY C 28 -11.84 31.94 12.67
C GLY C 28 -10.45 31.48 12.30
N ARG C 29 -9.97 30.41 12.92
CA ARG C 29 -8.64 29.91 12.59
C ARG C 29 -8.59 29.38 11.18
N VAL C 30 -9.64 28.70 10.73
CA VAL C 30 -9.69 28.24 9.36
C VAL C 30 -9.69 29.42 8.41
N HIS C 31 -10.41 30.49 8.75
CA HIS C 31 -10.39 31.69 7.92
C HIS C 31 -8.98 32.26 7.81
N ARG C 32 -8.27 32.31 8.93
CA ARG C 32 -6.92 32.86 8.90
C ARG C 32 -5.98 31.98 8.11
N LEU C 33 -6.14 30.66 8.21
CA LEU C 33 -5.30 29.76 7.44
C LEU C 33 -5.59 29.86 5.95
N LEU C 34 -6.84 30.09 5.58
CA LEU C 34 -7.14 30.34 4.18
C LEU C 34 -6.53 31.64 3.72
N ARG C 35 -6.58 32.68 4.55
CA ARG C 35 -6.07 33.98 4.13
C ARG C 35 -4.55 33.95 3.99
N LYS C 36 -3.87 33.41 4.99
CA LYS C 36 -2.41 33.42 5.02
C LYS C 36 -1.80 32.23 4.31
N GLY C 37 -2.52 31.60 3.40
CA GLY C 37 -2.04 30.38 2.80
C GLY C 37 -1.90 30.43 1.30
N ASN C 38 -2.22 31.58 0.70
CA ASN C 38 -2.05 31.80 -0.73
C ASN C 38 -2.85 30.79 -1.55
N TYR C 39 -4.16 30.86 -1.40
CA TYR C 39 -5.06 30.09 -2.23
C TYR C 39 -5.84 30.97 -3.20
N ALA C 40 -6.19 32.17 -2.78
CA ALA C 40 -6.73 33.19 -3.66
C ALA C 40 -6.54 34.50 -2.93
N GLU C 41 -6.69 35.60 -3.67
CA GLU C 41 -6.44 36.88 -3.00
C GLU C 41 -7.62 37.34 -2.17
N ARG C 42 -8.77 36.69 -2.27
CA ARG C 42 -9.91 37.00 -1.42
C ARG C 42 -10.53 35.70 -0.93
N VAL C 43 -11.05 35.72 0.28
CA VAL C 43 -11.71 34.59 0.89
C VAL C 43 -13.11 35.02 1.29
N GLY C 44 -14.10 34.28 0.83
CA GLY C 44 -15.47 34.61 1.14
C GLY C 44 -15.79 34.45 2.60
N ALA C 45 -16.98 34.93 2.97
CA ALA C 45 -17.39 34.86 4.36
C ALA C 45 -17.79 33.46 4.76
N GLY C 46 -18.53 32.77 3.90
CA GLY C 46 -19.00 31.44 4.20
C GLY C 46 -18.05 30.33 3.84
N ALA C 47 -16.94 30.65 3.18
CA ALA C 47 -15.95 29.62 2.88
C ALA C 47 -15.34 29.00 4.13
N PRO C 48 -14.86 29.77 5.12
CA PRO C 48 -14.37 29.13 6.33
C PRO C 48 -15.44 28.36 7.07
N VAL C 49 -16.68 28.83 7.06
CA VAL C 49 -17.76 28.12 7.73
C VAL C 49 -17.98 26.77 7.07
N TYR C 50 -18.07 26.77 5.75
CA TYR C 50 -18.25 25.53 5.01
C TYR C 50 -17.10 24.57 5.27
N LEU C 51 -15.87 25.08 5.21
CA LEU C 51 -14.71 24.21 5.34
C LEU C 51 -14.59 23.67 6.76
N ALA C 52 -14.86 24.49 7.77
CA ALA C 52 -14.81 24.00 9.14
C ALA C 52 -15.89 22.94 9.37
N ALA C 53 -17.07 23.14 8.79
CA ALA C 53 -18.11 22.12 8.92
C ALA C 53 -17.69 20.81 8.28
N VAL C 54 -17.10 20.87 7.09
CA VAL C 54 -16.67 19.64 6.43
C VAL C 54 -15.57 18.94 7.20
N LEU C 55 -14.61 19.70 7.71
CA LEU C 55 -13.54 19.10 8.51
C LEU C 55 -14.08 18.46 9.77
N GLU C 56 -15.03 19.13 10.44
CA GLU C 56 -15.64 18.56 11.63
C GLU C 56 -16.41 17.30 11.30
N TYR C 57 -17.13 17.29 10.18
CA TYR C 57 -17.89 16.11 9.81
C TYR C 57 -16.97 14.92 9.56
N LEU C 58 -15.88 15.14 8.83
CA LEU C 58 -14.97 14.04 8.55
C LEU C 58 -14.29 13.55 9.81
N THR C 59 -13.92 14.47 10.71
CA THR C 59 -13.35 14.06 11.97
C THR C 59 -14.35 13.22 12.77
N ALA C 60 -15.61 13.64 12.81
CA ALA C 60 -16.61 12.89 13.54
C ALA C 60 -16.81 11.51 12.94
N GLU C 61 -16.81 11.41 11.62
CA GLU C 61 -16.96 10.12 10.97
C GLU C 61 -15.82 9.17 11.36
N ILE C 62 -14.58 9.63 11.22
CA ILE C 62 -13.44 8.79 11.56
C ILE C 62 -13.47 8.43 13.03
N LEU C 63 -13.75 9.40 13.90
CA LEU C 63 -13.70 9.14 15.33
C LEU C 63 -14.78 8.17 15.75
N GLU C 64 -15.95 8.24 15.12
CA GLU C 64 -17.00 7.27 15.44
C GLU C 64 -16.57 5.86 15.04
N LEU C 65 -16.05 5.69 13.83
CA LEU C 65 -15.63 4.36 13.42
C LEU C 65 -14.50 3.85 14.31
N ALA C 66 -13.56 4.73 14.67
CA ALA C 66 -12.44 4.31 15.50
C ALA C 66 -12.89 3.98 16.91
N GLY C 67 -13.89 4.69 17.42
CA GLY C 67 -14.43 4.34 18.73
C GLY C 67 -15.15 3.01 18.72
N ASN C 68 -15.87 2.73 17.64
CA ASN C 68 -16.47 1.40 17.49
C ASN C 68 -15.41 0.32 17.50
N ALA C 69 -14.32 0.54 16.75
CA ALA C 69 -13.25 -0.45 16.70
C ALA C 69 -12.59 -0.61 18.08
N ALA C 70 -12.34 0.50 18.77
CA ALA C 70 -11.73 0.41 20.09
C ALA C 70 -12.65 -0.25 21.09
N ARG C 71 -13.95 -0.18 20.85
CA ARG C 71 -14.90 -0.92 21.69
C ARG C 71 -14.91 -2.39 21.35
N ASP C 72 -14.66 -2.75 20.09
CA ASP C 72 -14.59 -4.17 19.73
C ASP C 72 -13.43 -4.85 20.43
N ASN C 73 -12.36 -4.13 20.75
CA ASN C 73 -11.25 -4.70 21.51
C ASN C 73 -11.41 -4.50 23.00
N LYS C 74 -12.55 -4.00 23.44
CA LYS C 74 -12.80 -3.74 24.86
C LYS C 74 -11.76 -2.78 25.42
N LYS C 75 -11.46 -1.74 24.66
CA LYS C 75 -10.60 -0.64 25.10
C LYS C 75 -11.43 0.63 25.16
N THR C 76 -11.03 1.54 26.04
CA THR C 76 -11.71 2.81 26.18
C THR C 76 -10.90 3.99 25.67
N ARG C 77 -9.74 3.73 25.06
CA ARG C 77 -8.96 4.76 24.40
C ARG C 77 -8.76 4.38 22.94
N ILE C 78 -8.84 5.37 22.07
CA ILE C 78 -8.53 5.17 20.67
C ILE C 78 -7.02 5.29 20.49
N ILE C 79 -6.42 4.28 19.88
CA ILE C 79 -4.99 4.29 19.59
C ILE C 79 -4.84 4.17 18.09
N PRO C 80 -3.67 4.50 17.54
CA PRO C 80 -3.51 4.46 16.08
C PRO C 80 -3.99 3.19 15.43
N ARG C 81 -3.86 2.06 16.12
CA ARG C 81 -4.37 0.81 15.57
C ARG C 81 -5.85 0.93 15.24
N HIS C 82 -6.62 1.56 16.12
CA HIS C 82 -8.05 1.66 15.89
C HIS C 82 -8.38 2.62 14.76
N LEU C 83 -7.63 3.71 14.64
CA LEU C 83 -7.81 4.60 13.50
C LEU C 83 -7.56 3.86 12.21
N GLN C 84 -6.48 3.09 12.16
CA GLN C 84 -6.16 2.33 10.96
C GLN C 84 -7.26 1.31 10.66
N LEU C 85 -7.73 0.61 11.68
CA LEU C 85 -8.78 -0.38 11.45
C LEU C 85 -10.05 0.26 10.94
N ALA C 86 -10.42 1.40 11.52
CA ALA C 86 -11.61 2.10 11.05
C ALA C 86 -11.46 2.55 9.62
N ILE C 87 -10.29 3.06 9.26
CA ILE C 87 -10.08 3.59 7.92
C ILE C 87 -10.07 2.47 6.90
N ARG C 88 -9.38 1.37 7.18
CA ARG C 88 -9.28 0.32 6.19
C ARG C 88 -10.57 -0.48 6.09
N ASN C 89 -11.33 -0.58 7.18
CA ASN C 89 -12.55 -1.35 7.15
C ASN C 89 -13.74 -0.58 6.60
N ASP C 90 -13.61 0.71 6.35
CA ASP C 90 -14.67 1.49 5.73
C ASP C 90 -14.28 1.80 4.30
N GLU C 91 -15.18 1.51 3.36
CA GLU C 91 -14.82 1.59 1.95
C GLU C 91 -14.46 3.01 1.54
N GLU C 92 -15.30 3.99 1.88
CA GLU C 92 -15.06 5.34 1.43
C GLU C 92 -13.93 6.01 2.18
N LEU C 93 -13.82 5.77 3.49
CA LEU C 93 -12.67 6.28 4.21
C LEU C 93 -11.39 5.63 3.72
N ASN C 94 -11.46 4.37 3.32
CA ASN C 94 -10.30 3.73 2.72
C ASN C 94 -9.92 4.39 1.41
N LYS C 95 -10.92 4.75 0.59
CA LYS C 95 -10.61 5.39 -0.68
C LYS C 95 -10.06 6.80 -0.48
N LEU C 96 -10.60 7.54 0.48
CA LEU C 96 -10.10 8.89 0.73
C LEU C 96 -8.66 8.85 1.23
N LEU C 97 -8.33 7.92 2.11
CA LEU C 97 -7.02 7.81 2.71
C LEU C 97 -6.27 6.58 2.21
N GLY C 98 -6.40 6.25 0.93
CA GLY C 98 -5.72 5.08 0.41
C GLY C 98 -4.22 5.21 0.39
N LYS C 99 -3.71 6.35 -0.07
CA LYS C 99 -2.28 6.57 -0.22
C LYS C 99 -1.66 7.15 1.03
N VAL C 100 -2.20 6.86 2.19
CA VAL C 100 -1.73 7.42 3.45
C VAL C 100 -1.26 6.28 4.34
N THR C 101 -0.17 6.52 5.06
CA THR C 101 0.40 5.56 6.00
C THR C 101 0.19 6.10 7.41
N ILE C 102 -0.33 5.26 8.28
CA ILE C 102 -0.58 5.65 9.66
C ILE C 102 0.49 5.02 10.54
N ALA C 103 1.27 5.84 11.22
CA ALA C 103 2.31 5.34 12.09
C ALA C 103 1.71 4.49 13.20
N GLN C 104 2.34 3.36 13.48
CA GLN C 104 1.86 2.41 14.48
C GLN C 104 0.47 1.90 14.17
N GLY C 105 0.15 1.75 12.89
CA GLY C 105 -1.16 1.27 12.53
C GLY C 105 -1.25 -0.21 12.32
N GLY C 106 -0.25 -0.81 11.68
CA GLY C 106 -0.36 -2.19 11.30
C GLY C 106 -1.16 -2.35 10.02
N VAL C 107 -1.76 -3.52 9.86
CA VAL C 107 -2.56 -3.83 8.68
C VAL C 107 -3.84 -4.53 9.12
N LEU C 108 -4.75 -4.70 8.19
CA LEU C 108 -5.90 -5.53 8.46
C LEU C 108 -5.46 -6.99 8.53
N PRO C 109 -6.00 -7.77 9.45
CA PRO C 109 -5.77 -9.21 9.40
C PRO C 109 -6.42 -9.82 8.19
N ASN C 110 -5.63 -10.36 7.28
CA ASN C 110 -6.15 -10.97 6.06
C ASN C 110 -5.17 -12.01 5.58
N ILE C 111 -5.62 -13.25 5.46
CA ILE C 111 -4.82 -14.35 4.93
C ILE C 111 -5.52 -14.86 3.68
N GLN C 112 -4.78 -15.02 2.59
CA GLN C 112 -5.38 -15.49 1.36
C GLN C 112 -5.88 -16.92 1.53
N ALA C 113 -6.96 -17.23 0.83
CA ALA C 113 -7.66 -18.50 1.04
C ALA C 113 -6.86 -19.70 0.56
N VAL C 114 -5.82 -19.49 -0.25
CA VAL C 114 -5.03 -20.60 -0.75
C VAL C 114 -3.94 -21.00 0.21
N LEU C 115 -3.55 -20.12 1.12
CA LEU C 115 -2.49 -20.42 2.06
C LEU C 115 -2.96 -21.19 3.27
N LEU C 116 -4.26 -21.35 3.44
CA LEU C 116 -4.84 -22.05 4.58
C LEU C 116 -4.68 -23.55 4.42
N PRO C 117 -4.44 -24.28 5.49
CA PRO C 117 -4.27 -25.73 5.37
C PRO C 117 -5.50 -26.38 4.78
N LYS C 118 -5.28 -27.39 3.96
CA LYS C 118 -6.33 -28.10 3.27
C LYS C 118 -6.60 -29.44 3.95
N LYS C 119 -7.77 -30.01 3.66
CA LYS C 119 -8.11 -31.34 4.12
C LYS C 119 -7.23 -32.39 3.44
N ARG D 31 8.87 26.50 24.57
CA ARG D 31 8.34 27.55 25.42
C ARG D 31 7.60 28.57 24.57
N SER D 32 7.23 28.17 23.36
CA SER D 32 6.49 29.00 22.44
C SER D 32 5.15 28.34 22.11
N ARG D 33 4.22 29.14 21.63
CA ARG D 33 2.91 28.62 21.26
C ARG D 33 3.03 27.67 20.07
N LYS D 34 2.15 26.67 20.04
CA LYS D 34 2.08 25.72 18.94
C LYS D 34 0.61 25.38 18.71
N GLU D 35 0.04 25.94 17.65
CA GLU D 35 -1.37 25.70 17.36
C GLU D 35 -1.60 24.26 16.92
N SER D 36 -2.77 23.75 17.26
CA SER D 36 -3.13 22.38 16.96
C SER D 36 -4.65 22.29 16.92
N TYR D 37 -5.14 21.17 16.40
CA TYR D 37 -6.57 20.90 16.37
C TYR D 37 -7.00 20.00 17.51
N SER D 38 -6.16 19.82 18.52
CA SER D 38 -6.39 18.79 19.52
C SER D 38 -7.68 19.05 20.30
N ILE D 39 -7.90 20.29 20.72
CA ILE D 39 -9.05 20.54 21.56
C ILE D 39 -10.35 20.38 20.77
N TYR D 40 -10.34 20.76 19.50
CA TYR D 40 -11.55 20.60 18.70
C TYR D 40 -11.80 19.15 18.37
N VAL D 41 -10.74 18.39 18.09
CA VAL D 41 -10.90 16.96 17.88
C VAL D 41 -11.47 16.31 19.12
N TYR D 42 -10.99 16.72 20.28
CA TYR D 42 -11.50 16.14 21.52
C TYR D 42 -12.94 16.54 21.77
N LYS D 43 -13.31 17.77 21.43
CA LYS D 43 -14.71 18.18 21.56
C LYS D 43 -15.61 17.33 20.67
N VAL D 44 -15.18 17.07 19.44
CA VAL D 44 -15.99 16.21 18.58
C VAL D 44 -16.02 14.79 19.11
N LEU D 45 -14.92 14.34 19.72
CA LEU D 45 -14.89 12.98 20.26
C LEU D 45 -15.92 12.81 21.36
N LYS D 46 -15.92 13.72 22.35
CA LYS D 46 -16.90 13.65 23.42
C LYS D 46 -18.32 13.75 22.90
N GLN D 47 -18.51 14.31 21.72
CA GLN D 47 -19.85 14.47 21.17
C GLN D 47 -20.39 13.18 20.58
N VAL D 48 -19.52 12.28 20.12
CA VAL D 48 -19.97 11.04 19.50
C VAL D 48 -19.69 9.82 20.38
N HIS D 49 -18.58 9.78 21.11
CA HIS D 49 -18.27 8.71 22.05
C HIS D 49 -17.95 9.36 23.38
N PRO D 50 -18.97 9.67 24.18
CA PRO D 50 -18.75 10.52 25.36
C PRO D 50 -17.81 9.94 26.40
N ASP D 51 -17.67 8.61 26.44
CA ASP D 51 -16.89 7.96 27.49
C ASP D 51 -15.60 7.36 26.99
N THR D 52 -15.26 7.58 25.72
CA THR D 52 -14.02 7.08 25.15
C THR D 52 -12.99 8.20 25.11
N GLY D 53 -11.75 7.87 25.42
CA GLY D 53 -10.65 8.81 25.34
C GLY D 53 -9.92 8.70 24.03
N ILE D 54 -8.74 9.30 23.98
CA ILE D 54 -7.91 9.20 22.79
C ILE D 54 -6.47 9.36 23.22
N SER D 55 -5.61 8.53 22.64
CA SER D 55 -4.19 8.55 22.96
C SER D 55 -3.55 9.80 22.37
N SER D 56 -2.38 10.14 22.90
CA SER D 56 -1.66 11.28 22.36
C SER D 56 -1.21 11.02 20.93
N LYS D 57 -0.74 9.81 20.65
CA LYS D 57 -0.35 9.46 19.28
C LYS D 57 -1.54 9.52 18.34
N ALA D 58 -2.70 9.03 18.79
CA ALA D 58 -3.89 9.10 17.94
C ALA D 58 -4.32 10.53 17.73
N MET D 59 -4.16 11.38 18.74
CA MET D 59 -4.49 12.78 18.56
C MET D 59 -3.56 13.44 17.56
N GLY D 60 -2.28 13.08 17.58
CA GLY D 60 -1.37 13.58 16.57
C GLY D 60 -1.76 13.14 15.18
N ILE D 61 -2.17 11.88 15.04
CA ILE D 61 -2.64 11.38 13.75
C ILE D 61 -3.88 12.14 13.30
N MET D 62 -4.77 12.49 14.23
CA MET D 62 -5.95 13.25 13.85
C MET D 62 -5.59 14.67 13.44
N ASN D 63 -4.60 15.27 14.10
CA ASN D 63 -4.11 16.57 13.65
C ASN D 63 -3.62 16.49 12.22
N SER D 64 -2.76 15.51 11.94
CA SER D 64 -2.22 15.36 10.60
C SER D 64 -3.35 15.13 9.59
N PHE D 65 -4.35 14.37 9.99
CA PHE D 65 -5.47 14.10 9.09
C PHE D 65 -6.22 15.38 8.76
N VAL D 66 -6.51 16.19 9.77
CA VAL D 66 -7.25 17.42 9.53
C VAL D 66 -6.45 18.37 8.67
N ASN D 67 -5.15 18.49 8.94
CA ASN D 67 -4.32 19.36 8.11
C ASN D 67 -4.26 18.87 6.67
N ASP D 68 -4.11 17.56 6.48
CA ASP D 68 -4.09 17.00 5.14
C ASP D 68 -5.35 17.31 4.38
N ILE D 69 -6.51 17.03 4.99
CA ILE D 69 -7.77 17.23 4.29
C ILE D 69 -8.03 18.71 4.06
N PHE D 70 -7.68 19.55 5.02
CA PHE D 70 -7.79 20.99 4.83
C PHE D 70 -6.98 21.43 3.61
N GLU D 71 -5.74 20.97 3.51
CA GLU D 71 -4.88 21.36 2.40
C GLU D 71 -5.41 20.84 1.08
N ARG D 72 -5.91 19.61 1.05
CA ARG D 72 -6.51 19.09 -0.18
C ARG D 72 -7.66 19.95 -0.64
N ILE D 73 -8.60 20.22 0.26
CA ILE D 73 -9.79 20.98 -0.14
C ILE D 73 -9.40 22.40 -0.52
N ALA D 74 -8.55 23.03 0.28
CA ALA D 74 -8.18 24.41 -0.02
C ALA D 74 -7.44 24.51 -1.33
N GLY D 75 -6.53 23.57 -1.62
CA GLY D 75 -5.84 23.60 -2.89
C GLY D 75 -6.76 23.36 -4.07
N GLU D 76 -7.67 22.41 -3.95
CA GLU D 76 -8.58 22.16 -5.06
C GLU D 76 -9.50 23.35 -5.29
N ALA D 77 -9.94 24.01 -4.22
CA ALA D 77 -10.77 25.19 -4.39
C ALA D 77 -9.97 26.34 -4.98
N SER D 78 -8.71 26.47 -4.59
CA SER D 78 -7.86 27.52 -5.14
C SER D 78 -7.66 27.32 -6.63
N ARG D 79 -7.46 26.07 -7.05
CA ARG D 79 -7.38 25.80 -8.48
C ARG D 79 -8.69 26.09 -9.17
N LEU D 80 -9.81 25.78 -8.51
CA LEU D 80 -11.12 26.03 -9.10
C LEU D 80 -11.34 27.51 -9.34
N ALA D 81 -10.92 28.35 -8.41
CA ALA D 81 -11.02 29.79 -8.63
C ALA D 81 -10.17 30.22 -9.80
N HIS D 82 -8.94 29.70 -9.89
CA HIS D 82 -8.03 30.12 -10.94
C HIS D 82 -8.50 29.65 -12.30
N TYR D 83 -9.09 28.46 -12.38
CA TYR D 83 -9.58 27.97 -13.66
C TYR D 83 -10.66 28.89 -14.22
N ASN D 84 -11.55 29.36 -13.36
CA ASN D 84 -12.64 30.23 -13.77
C ASN D 84 -12.28 31.70 -13.71
N LYS D 85 -11.04 32.03 -13.35
CA LYS D 85 -10.56 33.40 -13.29
C LYS D 85 -11.38 34.22 -12.29
N ARG D 86 -11.33 33.77 -11.05
CA ARG D 86 -11.95 34.47 -9.94
C ARG D 86 -10.91 34.73 -8.88
N SER D 87 -11.04 35.84 -8.19
CA SER D 87 -10.10 36.19 -7.15
C SER D 87 -10.52 35.69 -5.79
N THR D 88 -11.68 35.06 -5.68
CA THR D 88 -12.31 34.77 -4.41
C THR D 88 -12.52 33.29 -4.24
N ILE D 89 -12.13 32.76 -3.08
CA ILE D 89 -12.51 31.41 -2.67
C ILE D 89 -13.79 31.54 -1.86
N THR D 90 -14.88 31.05 -2.40
CA THR D 90 -16.18 31.16 -1.77
C THR D 90 -16.65 29.81 -1.26
N SER D 91 -17.80 29.82 -0.58
CA SER D 91 -18.39 28.57 -0.15
C SER D 91 -18.80 27.73 -1.33
N ARG D 92 -19.15 28.35 -2.45
CA ARG D 92 -19.50 27.58 -3.64
C ARG D 92 -18.31 26.76 -4.12
N GLU D 93 -17.14 27.36 -4.13
CA GLU D 93 -15.96 26.64 -4.58
C GLU D 93 -15.50 25.63 -3.55
N ILE D 94 -15.66 25.92 -2.25
CA ILE D 94 -15.38 24.88 -1.27
C ILE D 94 -16.32 23.70 -1.46
N GLN D 95 -17.57 23.97 -1.78
CA GLN D 95 -18.52 22.89 -2.02
C GLN D 95 -18.09 22.06 -3.22
N THR D 96 -17.70 22.70 -4.31
CA THR D 96 -17.26 21.94 -5.47
C THR D 96 -15.97 21.19 -5.19
N ALA D 97 -15.08 21.76 -4.39
CA ALA D 97 -13.85 21.05 -4.03
C ALA D 97 -14.16 19.81 -3.20
N VAL D 98 -15.22 19.87 -2.39
CA VAL D 98 -15.62 18.70 -1.62
C VAL D 98 -16.15 17.60 -2.52
N ARG D 99 -16.93 17.96 -3.54
CA ARG D 99 -17.49 16.96 -4.44
C ARG D 99 -16.41 16.24 -5.23
N LEU D 100 -15.36 16.95 -5.63
CA LEU D 100 -14.27 16.31 -6.36
C LEU D 100 -13.47 15.37 -5.47
N LEU D 101 -13.16 15.80 -4.25
CA LEU D 101 -12.24 15.06 -3.40
C LEU D 101 -12.89 13.98 -2.57
N LEU D 102 -14.18 14.08 -2.28
CA LEU D 102 -14.72 13.07 -1.38
C LEU D 102 -15.52 12.03 -2.15
N PRO D 103 -15.41 10.77 -1.76
CA PRO D 103 -16.03 9.68 -2.53
C PRO D 103 -17.48 9.37 -2.17
N GLY D 104 -18.44 9.99 -2.83
CA GLY D 104 -19.79 9.46 -2.80
C GLY D 104 -20.64 9.83 -1.61
N GLU D 105 -20.85 8.87 -0.70
CA GLU D 105 -21.66 9.16 0.48
C GLU D 105 -20.96 10.17 1.39
N LEU D 106 -19.64 10.08 1.49
CA LEU D 106 -18.90 11.09 2.23
C LEU D 106 -19.14 12.46 1.63
N ALA D 107 -19.10 12.56 0.30
CA ALA D 107 -19.34 13.83 -0.36
C ALA D 107 -20.75 14.35 -0.08
N LYS D 108 -21.75 13.47 -0.18
CA LYS D 108 -23.13 13.91 0.02
C LYS D 108 -23.34 14.43 1.43
N HIS D 109 -22.84 13.70 2.42
CA HIS D 109 -23.06 14.12 3.80
C HIS D 109 -22.21 15.33 4.16
N ALA D 110 -21.01 15.43 3.61
CA ALA D 110 -20.19 16.61 3.85
C ALA D 110 -20.82 17.85 3.23
N VAL D 111 -21.36 17.74 2.02
CA VAL D 111 -22.06 18.86 1.40
C VAL D 111 -23.25 19.27 2.23
N SER D 112 -24.05 18.29 2.67
CA SER D 112 -25.22 18.62 3.47
C SER D 112 -24.83 19.31 4.77
N GLU D 113 -23.83 18.77 5.46
CA GLU D 113 -23.39 19.35 6.72
C GLU D 113 -22.88 20.76 6.53
N GLY D 114 -22.04 20.98 5.52
CA GLY D 114 -21.49 22.30 5.29
C GLY D 114 -22.54 23.31 4.89
N THR D 115 -23.48 22.91 4.04
CA THR D 115 -24.53 23.84 3.65
C THR D 115 -25.46 24.15 4.81
N LYS D 116 -25.62 23.22 5.76
CA LYS D 116 -26.37 23.54 6.96
C LYS D 116 -25.63 24.51 7.85
N ALA D 117 -24.31 24.37 7.94
CA ALA D 117 -23.52 25.31 8.72
C ALA D 117 -23.57 26.71 8.12
N VAL D 118 -23.51 26.81 6.80
CA VAL D 118 -23.54 28.12 6.16
C VAL D 118 -24.93 28.72 6.22
N THR D 119 -25.96 27.90 6.08
CA THR D 119 -27.32 28.41 6.25
C THR D 119 -27.53 28.94 7.66
N LYS D 120 -27.00 28.23 8.65
CA LYS D 120 -27.17 28.63 10.05
C LYS D 120 -26.33 29.85 10.39
N TYR D 121 -25.14 29.97 9.79
CA TYR D 121 -24.27 31.10 10.09
C TYR D 121 -24.82 32.39 9.51
N THR D 122 -25.32 32.34 8.27
CA THR D 122 -25.73 33.56 7.59
C THR D 122 -26.99 34.16 8.19
N SER D 123 -27.73 33.39 8.97
CA SER D 123 -28.96 33.87 9.61
C SER D 123 -28.76 34.13 11.09
N ALA D 124 -27.59 34.67 11.45
CA ALA D 124 -27.27 34.93 12.84
C ALA D 124 -26.22 36.02 12.95
N ALA E 31 16.75 -50.78 29.98
CA ALA E 31 17.71 -50.08 30.83
C ALA E 31 18.41 -48.97 30.06
N THR E 32 17.66 -48.27 29.21
CA THR E 32 18.20 -47.24 28.36
C THR E 32 17.83 -45.84 28.80
N GLY E 33 16.55 -45.54 28.91
CA GLY E 33 16.13 -44.18 29.12
C GLY E 33 16.16 -43.40 27.82
N GLY E 34 16.00 -42.09 27.96
CA GLY E 34 16.01 -41.22 26.82
C GLY E 34 14.65 -40.60 26.59
N VAL E 35 14.63 -39.33 26.23
CA VAL E 35 13.37 -38.62 26.08
C VAL E 35 12.69 -39.04 24.79
N MET E 36 11.38 -38.80 24.73
CA MET E 36 10.61 -38.89 23.49
C MET E 36 10.50 -37.50 22.87
N LYS E 37 10.12 -37.47 21.60
CA LYS E 37 10.04 -36.21 20.89
C LYS E 37 8.71 -36.11 20.16
N PRO E 38 7.92 -35.07 20.40
CA PRO E 38 6.71 -34.86 19.63
C PRO E 38 7.03 -34.53 18.19
N HIS E 39 6.09 -34.84 17.30
CA HIS E 39 6.25 -34.47 15.92
C HIS E 39 6.34 -32.96 15.78
N ARG E 40 7.34 -32.50 15.04
CA ARG E 40 7.45 -31.08 14.76
C ARG E 40 6.23 -30.62 13.98
N TYR E 41 5.92 -29.34 14.06
CA TYR E 41 4.81 -28.81 13.31
C TYR E 41 5.04 -29.03 11.83
N ARG E 42 3.97 -29.32 11.10
CA ARG E 42 4.09 -29.43 9.66
C ARG E 42 4.58 -28.09 9.11
N PRO E 43 5.44 -28.10 8.09
CA PRO E 43 5.86 -26.84 7.50
C PRO E 43 4.65 -26.05 7.02
N GLY E 44 4.63 -24.77 7.36
CA GLY E 44 3.51 -23.92 7.06
C GLY E 44 2.56 -23.68 8.20
N THR E 45 2.80 -24.26 9.37
CA THR E 45 1.94 -24.02 10.51
C THR E 45 2.51 -22.93 11.41
N VAL E 46 3.81 -22.97 11.67
CA VAL E 46 4.42 -21.83 12.35
C VAL E 46 4.41 -20.62 11.45
N ALA E 47 4.46 -20.82 10.12
CA ALA E 47 4.36 -19.69 9.21
C ALA E 47 3.02 -18.99 9.33
N LEU E 48 1.93 -19.75 9.40
CA LEU E 48 0.62 -19.14 9.54
C LEU E 48 0.42 -18.55 10.92
N ARG E 49 0.98 -19.18 11.95
CA ARG E 49 0.96 -18.57 13.27
C ARG E 49 1.62 -17.21 13.25
N GLU E 50 2.78 -17.12 12.61
CA GLU E 50 3.48 -15.85 12.51
C GLU E 50 2.71 -14.85 11.69
N ILE E 51 2.07 -15.29 10.61
CA ILE E 51 1.25 -14.38 9.81
C ILE E 51 0.22 -13.72 10.70
N ARG E 52 -0.52 -14.52 11.46
CA ARG E 52 -1.56 -13.96 12.31
C ARG E 52 -0.96 -13.07 13.39
N ARG E 53 0.15 -13.49 13.98
CA ARG E 53 0.75 -12.71 15.04
C ARG E 53 1.17 -11.34 14.56
N TYR E 54 1.90 -11.29 13.45
CA TYR E 54 2.41 -10.02 12.96
C TYR E 54 1.37 -9.20 12.22
N GLN E 55 0.25 -9.79 11.84
CA GLN E 55 -0.87 -8.97 11.40
C GLN E 55 -1.75 -8.52 12.55
N LYS E 56 -1.50 -9.00 13.77
CA LYS E 56 -2.21 -8.52 14.94
C LYS E 56 -1.49 -7.38 15.64
N SER E 57 -0.16 -7.31 15.53
CA SER E 57 0.63 -6.31 16.23
C SER E 57 0.90 -5.11 15.33
N THR E 58 1.48 -4.07 15.93
CA THR E 58 1.83 -2.86 15.21
C THR E 58 3.27 -2.44 15.47
N GLU E 59 4.08 -3.29 16.08
CA GLU E 59 5.45 -2.98 16.39
C GLU E 59 6.25 -2.72 15.12
N LEU E 60 7.48 -2.25 15.29
CA LEU E 60 8.43 -2.15 14.20
C LEU E 60 9.19 -3.46 14.08
N LEU E 61 9.25 -3.99 12.87
CA LEU E 61 9.76 -5.34 12.67
C LEU E 61 11.25 -5.40 12.37
N ILE E 62 11.90 -4.28 12.13
CA ILE E 62 13.34 -4.23 11.94
C ILE E 62 13.95 -3.73 13.24
N ARG E 63 15.18 -4.19 13.52
CA ARG E 63 15.89 -3.64 14.65
C ARG E 63 16.16 -2.16 14.41
N LYS E 64 16.27 -1.39 15.48
CA LYS E 64 16.37 0.05 15.30
C LYS E 64 17.78 0.53 15.09
N LEU E 65 18.76 0.02 15.83
CA LEU E 65 20.14 0.41 15.57
C LEU E 65 20.61 0.03 14.18
N PRO E 66 20.36 -1.17 13.66
CA PRO E 66 20.75 -1.46 12.28
C PRO E 66 20.10 -0.54 11.26
N PHE E 67 18.82 -0.24 11.42
CA PHE E 67 18.16 0.64 10.48
C PHE E 67 18.74 2.04 10.55
N GLN E 68 19.04 2.51 11.75
CA GLN E 68 19.62 3.84 11.90
C GLN E 68 21.01 3.92 11.31
N ARG E 69 21.83 2.89 11.50
CA ARG E 69 23.15 2.88 10.88
C ARG E 69 23.04 2.89 9.38
N LEU E 70 22.12 2.10 8.83
CA LEU E 70 21.93 2.11 7.38
C LEU E 70 21.48 3.48 6.90
N VAL E 71 20.59 4.14 7.65
CA VAL E 71 20.11 5.45 7.24
C VAL E 71 21.25 6.45 7.20
N ARG E 72 22.09 6.45 8.24
CA ARG E 72 23.21 7.39 8.24
C ARG E 72 24.19 7.09 7.12
N GLU E 73 24.45 5.81 6.86
CA GLU E 73 25.33 5.44 5.76
C GLU E 73 24.78 5.92 4.42
N ILE E 74 23.48 5.74 4.19
CA ILE E 74 22.90 6.21 2.94
C ILE E 74 22.99 7.71 2.85
N ALA E 75 22.78 8.40 3.97
CA ALA E 75 22.78 9.85 3.95
C ALA E 75 24.18 10.43 3.77
N GLN E 76 25.22 9.69 4.11
CA GLN E 76 26.57 10.20 3.89
C GLN E 76 26.87 10.53 2.44
N ASP E 77 26.16 9.93 1.50
CA ASP E 77 26.43 10.18 0.09
C ASP E 77 25.88 11.52 -0.37
N PHE E 78 24.89 12.07 0.33
CA PHE E 78 24.25 13.29 -0.10
C PHE E 78 24.80 14.53 0.59
N LYS E 79 25.27 14.39 1.83
CA LYS E 79 25.90 15.49 2.54
C LYS E 79 26.57 14.92 3.78
N THR E 80 27.80 15.36 4.02
CA THR E 80 28.55 14.81 5.13
C THR E 80 28.25 15.55 6.42
N ASP E 81 28.61 14.92 7.54
CA ASP E 81 28.43 15.49 8.87
C ASP E 81 26.98 15.81 9.17
N LEU E 82 26.06 15.04 8.61
CA LEU E 82 24.65 15.25 8.89
C LEU E 82 24.31 14.78 10.31
N ARG E 83 23.26 15.35 10.85
CA ARG E 83 22.69 14.90 12.11
C ARG E 83 21.23 14.57 11.87
N PHE E 84 20.68 13.72 12.73
CA PHE E 84 19.30 13.29 12.58
C PHE E 84 18.57 13.48 13.89
N GLN E 85 17.35 13.98 13.81
CA GLN E 85 16.44 13.87 14.94
C GLN E 85 15.98 12.44 15.09
N SER E 86 15.73 12.03 16.32
CA SER E 86 15.26 10.67 16.56
C SER E 86 13.95 10.42 15.84
N SER E 87 13.05 11.40 15.87
CA SER E 87 11.79 11.27 15.16
C SER E 87 12.01 11.17 13.66
N ALA E 88 13.11 11.71 13.14
CA ALA E 88 13.39 11.57 11.72
C ALA E 88 13.66 10.11 11.37
N VAL E 89 14.50 9.45 12.16
CA VAL E 89 14.80 8.06 11.89
C VAL E 89 13.59 7.17 12.14
N MET E 90 12.80 7.49 13.17
CA MET E 90 11.59 6.72 13.39
C MET E 90 10.59 6.88 12.26
N ALA E 91 10.44 8.09 11.73
CA ALA E 91 9.56 8.30 10.59
C ALA E 91 10.05 7.53 9.38
N LEU E 92 11.36 7.54 9.15
CA LEU E 92 11.93 6.78 8.05
C LEU E 92 11.63 5.30 8.21
N GLN E 93 11.80 4.77 9.41
CA GLN E 93 11.53 3.35 9.62
C GLN E 93 10.08 3.03 9.39
N GLU E 94 9.16 3.86 9.90
CA GLU E 94 7.75 3.61 9.67
C GLU E 94 7.43 3.59 8.20
N ALA E 95 7.95 4.56 7.45
CA ALA E 95 7.66 4.62 6.02
C ALA E 95 8.21 3.41 5.30
N CYS E 96 9.47 3.05 5.57
CA CYS E 96 10.09 1.94 4.87
C CYS E 96 9.40 0.62 5.19
N GLU E 97 9.07 0.42 6.46
CA GLU E 97 8.40 -0.81 6.85
C GLU E 97 7.02 -0.91 6.23
N ALA E 98 6.27 0.19 6.19
CA ALA E 98 4.98 0.18 5.52
C ALA E 98 5.12 -0.11 4.04
N TYR E 99 6.15 0.48 3.41
CA TYR E 99 6.39 0.23 2.01
C TYR E 99 6.66 -1.24 1.74
N LEU E 100 7.52 -1.85 2.54
CA LEU E 100 7.86 -3.24 2.34
C LEU E 100 6.70 -4.16 2.62
N VAL E 101 5.87 -3.82 3.60
CA VAL E 101 4.70 -4.65 3.87
C VAL E 101 3.73 -4.61 2.69
N GLY E 102 3.44 -3.42 2.17
CA GLY E 102 2.57 -3.33 1.00
C GLY E 102 3.15 -4.03 -0.21
N LEU E 103 4.46 -3.89 -0.41
CA LEU E 103 5.11 -4.56 -1.51
C LEU E 103 5.00 -6.07 -1.39
N PHE E 104 5.16 -6.59 -0.17
CA PHE E 104 5.03 -8.03 0.03
C PHE E 104 3.60 -8.49 -0.19
N GLU E 105 2.62 -7.67 0.13
CA GLU E 105 1.24 -8.04 -0.20
C GLU E 105 1.06 -8.19 -1.70
N ASP E 106 1.53 -7.21 -2.48
CA ASP E 106 1.37 -7.30 -3.92
C ASP E 106 2.17 -8.46 -4.51
N THR E 107 3.37 -8.71 -3.99
CA THR E 107 4.17 -9.81 -4.52
C THR E 107 3.59 -11.16 -4.14
N ASN E 108 2.91 -11.25 -3.00
CA ASN E 108 2.22 -12.48 -2.67
C ASN E 108 1.05 -12.72 -3.60
N LEU E 109 0.36 -11.64 -3.98
CA LEU E 109 -0.67 -11.79 -5.00
C LEU E 109 -0.09 -12.27 -6.32
N CYS E 110 1.07 -11.76 -6.72
CA CYS E 110 1.71 -12.24 -7.94
C CYS E 110 2.02 -13.72 -7.85
N ALA E 111 2.64 -14.14 -6.73
CA ALA E 111 2.97 -15.55 -6.55
C ALA E 111 1.74 -16.42 -6.67
N ILE E 112 0.67 -16.05 -5.96
CA ILE E 112 -0.56 -16.84 -6.00
C ILE E 112 -1.16 -16.83 -7.39
N HIS E 113 -0.99 -15.74 -8.14
CA HIS E 113 -1.43 -15.74 -9.53
C HIS E 113 -0.72 -16.81 -10.33
N ALA E 114 0.57 -16.97 -10.10
CA ALA E 114 1.36 -17.95 -10.84
C ALA E 114 1.20 -19.36 -10.32
N LYS E 115 0.12 -19.64 -9.58
CA LYS E 115 -0.16 -20.97 -9.05
C LYS E 115 0.93 -21.45 -8.09
N ARG E 116 1.46 -20.53 -7.30
CA ARG E 116 2.46 -20.86 -6.31
C ARG E 116 1.98 -20.40 -4.94
N VAL E 117 2.73 -20.78 -3.92
CA VAL E 117 2.60 -20.21 -2.59
C VAL E 117 3.92 -19.67 -2.07
N THR E 118 4.99 -19.78 -2.85
CA THR E 118 6.30 -19.27 -2.52
C THR E 118 6.54 -18.01 -3.33
N ILE E 119 6.94 -16.95 -2.67
CA ILE E 119 7.29 -15.72 -3.37
C ILE E 119 8.75 -15.79 -3.78
N MET E 120 9.04 -15.30 -4.97
CA MET E 120 10.35 -15.36 -5.59
C MET E 120 10.73 -13.97 -6.07
N PRO E 121 12.00 -13.75 -6.41
CA PRO E 121 12.39 -12.42 -6.89
C PRO E 121 11.60 -11.97 -8.11
N LYS E 122 11.24 -12.88 -8.99
CA LYS E 122 10.45 -12.50 -10.16
C LYS E 122 9.12 -11.90 -9.75
N ASP E 123 8.55 -12.34 -8.63
CA ASP E 123 7.30 -11.77 -8.16
C ASP E 123 7.47 -10.34 -7.70
N ILE E 124 8.54 -10.06 -6.96
CA ILE E 124 8.81 -8.69 -6.56
C ILE E 124 8.99 -7.83 -7.79
N GLN E 125 9.71 -8.34 -8.78
CA GLN E 125 9.95 -7.55 -9.98
C GLN E 125 8.66 -7.27 -10.74
N LEU E 126 7.76 -8.25 -10.82
CA LEU E 126 6.48 -7.99 -11.48
C LEU E 126 5.65 -6.98 -10.70
N ALA E 127 5.64 -7.10 -9.37
CA ALA E 127 4.88 -6.14 -8.57
C ALA E 127 5.39 -4.74 -8.76
N ARG E 128 6.72 -4.55 -8.73
CA ARG E 128 7.27 -3.23 -8.86
C ARG E 128 7.12 -2.69 -10.27
N ARG E 129 7.19 -3.55 -11.29
CA ARG E 129 6.95 -3.08 -12.65
C ARG E 129 5.52 -2.61 -12.82
N ILE E 130 4.54 -3.37 -12.33
CA ILE E 130 3.15 -2.97 -12.51
C ILE E 130 2.83 -1.73 -11.70
N ARG E 131 3.34 -1.64 -10.47
CA ARG E 131 3.13 -0.44 -9.66
C ARG E 131 3.61 0.79 -10.39
N GLY E 132 4.82 0.75 -10.94
CA GLY E 132 5.37 1.87 -11.66
C GLY E 132 6.81 2.16 -11.30
N GLU E 133 7.32 1.46 -10.30
CA GLU E 133 8.67 1.72 -9.82
C GLU E 133 9.74 1.15 -10.74
N ARG E 134 9.37 0.28 -11.66
CA ARG E 134 10.34 -0.39 -12.52
C ARG E 134 9.90 -0.36 -13.97
N ASP F 24 28.49 -2.07 5.08
CA ASP F 24 27.66 -3.25 4.87
C ASP F 24 26.45 -3.23 5.79
N ASN F 25 25.97 -2.02 6.09
CA ASN F 25 24.85 -1.91 7.01
C ASN F 25 23.55 -2.39 6.40
N ILE F 26 23.49 -2.54 5.08
CA ILE F 26 22.32 -3.16 4.49
C ILE F 26 22.21 -4.61 4.90
N GLN F 27 23.32 -5.23 5.30
CA GLN F 27 23.28 -6.56 5.87
C GLN F 27 22.69 -6.57 7.27
N GLY F 28 22.51 -5.42 7.88
CA GLY F 28 21.80 -5.33 9.14
C GLY F 28 20.31 -5.47 9.01
N ILE F 29 19.79 -5.47 7.78
CA ILE F 29 18.39 -5.81 7.55
C ILE F 29 18.37 -7.33 7.38
N THR F 30 18.38 -8.03 8.51
CA THR F 30 18.69 -9.44 8.52
C THR F 30 17.59 -10.24 7.85
N LYS F 31 17.84 -11.52 7.67
CA LYS F 31 16.82 -12.42 7.15
C LYS F 31 15.59 -12.50 8.04
N PRO F 32 15.71 -12.64 9.36
CA PRO F 32 14.50 -12.65 10.19
C PRO F 32 13.64 -11.42 10.04
N ALA F 33 14.26 -10.25 9.93
CA ALA F 33 13.49 -9.02 9.78
C ALA F 33 12.67 -9.03 8.51
N ILE F 34 13.28 -9.47 7.41
CA ILE F 34 12.59 -9.55 6.14
C ILE F 34 11.48 -10.60 6.22
N ARG F 35 11.71 -11.69 6.93
CA ARG F 35 10.65 -12.69 7.08
C ARG F 35 9.48 -12.14 7.86
N ARG F 36 9.73 -11.36 8.92
CA ARG F 36 8.64 -10.74 9.66
C ARG F 36 7.87 -9.77 8.78
N LEU F 37 8.58 -8.96 8.01
CA LEU F 37 7.90 -8.05 7.09
C LEU F 37 7.09 -8.81 6.08
N ALA F 38 7.53 -10.00 5.69
CA ALA F 38 6.75 -10.82 4.77
C ALA F 38 5.53 -11.40 5.46
N ARG F 39 5.66 -11.78 6.72
CA ARG F 39 4.53 -12.30 7.47
C ARG F 39 3.43 -11.25 7.59
N ARG F 40 3.79 -10.03 7.95
CA ARG F 40 2.76 -8.99 8.02
C ARG F 40 2.11 -8.72 6.67
N GLY F 41 2.80 -9.04 5.58
CA GLY F 41 2.19 -8.97 4.28
C GLY F 41 1.43 -10.20 3.89
N GLY F 42 1.35 -11.20 4.76
CA GLY F 42 0.59 -12.39 4.47
C GLY F 42 1.31 -13.42 3.66
N VAL F 43 2.63 -13.48 3.76
CA VAL F 43 3.46 -14.36 2.94
C VAL F 43 3.80 -15.60 3.73
N LYS F 44 3.48 -16.77 3.17
CA LYS F 44 3.68 -18.04 3.84
C LYS F 44 5.09 -18.60 3.61
N ARG F 45 5.45 -18.81 2.36
CA ARG F 45 6.73 -19.38 1.99
C ARG F 45 7.58 -18.32 1.30
N ILE F 46 8.88 -18.33 1.54
CA ILE F 46 9.77 -17.30 1.03
C ILE F 46 10.96 -17.97 0.35
N SER F 47 11.13 -17.72 -0.94
CA SER F 47 12.31 -18.21 -1.64
C SER F 47 13.57 -17.59 -1.04
N GLY F 48 14.66 -18.34 -1.08
CA GLY F 48 15.89 -17.88 -0.46
C GLY F 48 16.59 -16.79 -1.23
N LEU F 49 16.19 -16.52 -2.46
CA LEU F 49 16.73 -15.41 -3.21
C LEU F 49 16.02 -14.11 -2.92
N ILE F 50 14.96 -14.14 -2.12
CA ILE F 50 14.20 -12.94 -1.83
C ILE F 50 15.04 -11.95 -1.06
N TYR F 51 15.75 -12.42 -0.04
CA TYR F 51 16.35 -11.52 0.94
C TYR F 51 17.23 -10.47 0.28
N GLU F 52 18.29 -10.91 -0.40
CA GLU F 52 19.14 -9.95 -1.10
C GLU F 52 18.32 -9.04 -1.99
N GLU F 53 17.42 -9.62 -2.79
CA GLU F 53 16.56 -8.83 -3.65
C GLU F 53 15.84 -7.76 -2.84
N THR F 54 15.21 -8.15 -1.74
CA THR F 54 14.46 -7.19 -0.94
C THR F 54 15.36 -6.08 -0.44
N ARG F 55 16.58 -6.42 -0.03
CA ARG F 55 17.50 -5.39 0.43
C ARG F 55 17.69 -4.34 -0.65
N GLY F 56 17.90 -4.77 -1.89
CA GLY F 56 18.05 -3.81 -2.96
C GLY F 56 16.85 -2.90 -3.05
N VAL F 57 15.65 -3.49 -3.02
CA VAL F 57 14.44 -2.69 -3.06
C VAL F 57 14.46 -1.65 -1.95
N LEU F 58 14.74 -2.10 -0.73
CA LEU F 58 14.77 -1.17 0.38
C LEU F 58 15.79 -0.08 0.13
N LYS F 59 17.00 -0.47 -0.25
CA LYS F 59 18.05 0.53 -0.39
C LYS F 59 17.74 1.53 -1.47
N VAL F 60 16.90 1.18 -2.44
CA VAL F 60 16.46 2.17 -3.41
C VAL F 60 15.50 3.13 -2.75
N PHE F 61 14.41 2.61 -2.19
CA PHE F 61 13.36 3.44 -1.62
C PHE F 61 13.97 4.44 -0.66
N LEU F 62 14.63 3.93 0.37
CA LEU F 62 15.33 4.75 1.34
C LEU F 62 16.07 5.89 0.66
N GLU F 63 16.98 5.55 -0.26
CA GLU F 63 17.77 6.56 -0.93
C GLU F 63 16.91 7.71 -1.40
N ASN F 64 15.91 7.42 -2.23
CA ASN F 64 15.07 8.47 -2.76
C ASN F 64 14.57 9.36 -1.65
N VAL F 65 13.92 8.77 -0.65
CA VAL F 65 13.36 9.57 0.43
C VAL F 65 14.46 10.39 1.08
N ILE F 66 15.56 9.73 1.46
CA ILE F 66 16.60 10.46 2.17
C ILE F 66 17.14 11.57 1.30
N ARG F 67 17.28 11.31 0.00
CA ARG F 67 17.73 12.35 -0.90
C ARG F 67 16.89 13.60 -0.71
N ASP F 68 15.58 13.47 -0.89
CA ASP F 68 14.71 14.62 -0.77
C ASP F 68 14.76 15.21 0.61
N ALA F 69 14.83 14.35 1.64
CA ALA F 69 14.91 14.88 2.99
C ALA F 69 16.10 15.80 3.13
N VAL F 70 17.27 15.34 2.67
CA VAL F 70 18.46 16.16 2.81
C VAL F 70 18.30 17.43 2.00
N THR F 71 17.66 17.34 0.84
CA THR F 71 17.40 18.55 0.06
C THR F 71 16.68 19.57 0.91
N TYR F 72 15.58 19.17 1.53
CA TYR F 72 14.85 20.09 2.40
C TYR F 72 15.76 20.61 3.49
N THR F 73 16.55 19.72 4.09
CA THR F 73 17.41 20.13 5.18
C THR F 73 18.41 21.16 4.72
N GLU F 74 18.89 21.02 3.49
CA GLU F 74 19.86 22.00 3.02
C GLU F 74 19.20 23.32 2.68
N HIS F 75 17.94 23.29 2.27
CA HIS F 75 17.30 24.54 1.90
C HIS F 75 16.99 25.40 3.10
N ALA F 76 16.73 24.77 4.24
CA ALA F 76 16.53 25.49 5.49
C ALA F 76 17.85 25.87 6.15
N LYS F 77 18.97 25.48 5.56
CA LYS F 77 20.30 25.75 6.11
C LYS F 77 20.49 25.13 7.49
N ARG F 78 19.92 23.95 7.68
CA ARG F 78 20.10 23.18 8.90
C ARG F 78 21.11 22.07 8.67
N LYS F 79 21.82 21.71 9.72
CA LYS F 79 22.69 20.54 9.72
C LYS F 79 21.96 19.28 10.15
N THR F 80 20.74 19.40 10.64
CA THR F 80 20.00 18.29 11.24
C THR F 80 18.80 17.98 10.38
N VAL F 81 18.61 16.71 10.07
CA VAL F 81 17.44 16.26 9.33
C VAL F 81 16.28 16.12 10.32
N THR F 82 15.25 16.91 10.12
CA THR F 82 14.10 16.96 10.99
C THR F 82 13.03 15.97 10.53
N ALA F 83 12.19 15.54 11.46
CA ALA F 83 11.11 14.63 11.10
C ALA F 83 10.19 15.24 10.06
N MET F 84 10.06 16.58 10.07
CA MET F 84 9.24 17.21 9.04
C MET F 84 9.88 17.11 7.67
N ASP F 85 11.21 17.13 7.59
CA ASP F 85 11.86 16.93 6.31
C ASP F 85 11.51 15.57 5.73
N VAL F 86 11.55 14.53 6.57
CA VAL F 86 11.16 13.20 6.12
C VAL F 86 9.71 13.20 5.70
N VAL F 87 8.84 13.84 6.48
CA VAL F 87 7.42 13.82 6.14
C VAL F 87 7.17 14.52 4.82
N TYR F 88 7.84 15.64 4.59
CA TYR F 88 7.69 16.36 3.33
C TYR F 88 8.23 15.55 2.17
N ALA F 89 9.37 14.89 2.35
CA ALA F 89 9.90 14.04 1.30
C ALA F 89 8.92 12.94 0.94
N LEU F 90 8.37 12.28 1.95
CA LEU F 90 7.42 11.20 1.71
C LEU F 90 6.19 11.71 1.00
N LYS F 91 5.64 12.84 1.44
CA LYS F 91 4.46 13.39 0.78
C LYS F 91 4.77 13.81 -0.63
N ARG F 92 5.97 14.35 -0.86
CA ARG F 92 6.40 14.68 -2.21
C ARG F 92 6.45 13.44 -3.08
N GLN F 93 6.73 12.29 -2.50
CA GLN F 93 6.77 11.05 -3.24
C GLN F 93 5.45 10.30 -3.25
N GLY F 94 4.38 10.90 -2.72
CA GLY F 94 3.09 10.26 -2.76
C GLY F 94 2.87 9.20 -1.71
N ARG F 95 3.55 9.29 -0.59
CA ARG F 95 3.48 8.31 0.48
C ARG F 95 3.22 9.01 1.81
N THR F 96 2.19 9.85 1.83
CA THR F 96 1.81 10.63 3.00
C THR F 96 1.87 9.80 4.27
N LEU F 97 2.50 10.35 5.30
CA LEU F 97 2.68 9.66 6.57
C LEU F 97 2.06 10.49 7.69
N TYR F 98 1.12 9.90 8.42
CA TYR F 98 0.48 10.56 9.54
C TYR F 98 1.15 10.14 10.84
N GLY F 99 1.42 11.10 11.70
CA GLY F 99 1.89 10.76 13.02
C GLY F 99 3.21 11.36 13.44
N PHE F 100 3.76 12.23 12.60
CA PHE F 100 5.01 12.91 12.94
C PHE F 100 4.98 14.40 12.68
N GLY F 101 3.84 14.95 12.27
CA GLY F 101 3.74 16.38 12.06
C GLY F 101 2.78 16.77 10.95
N ARG G 11 15.55 58.51 -21.14
CA ARG G 11 15.69 57.19 -20.56
C ARG G 11 16.22 56.19 -21.56
N ALA G 12 16.73 55.07 -21.07
CA ALA G 12 17.22 54.02 -21.93
C ALA G 12 16.09 53.49 -22.79
N LYS G 13 16.43 52.98 -23.98
CA LYS G 13 15.40 52.61 -24.94
C LYS G 13 14.50 51.52 -24.37
N ALA G 14 15.07 50.33 -24.18
CA ALA G 14 14.46 49.20 -23.48
C ALA G 14 15.44 48.06 -23.60
N LYS G 15 15.31 47.08 -22.70
CA LYS G 15 16.11 45.88 -22.80
C LYS G 15 15.36 44.78 -22.03
N THR G 16 14.68 43.91 -22.77
CA THR G 16 13.91 42.85 -22.14
C THR G 16 14.82 42.03 -21.26
N ARG G 17 14.30 41.59 -20.12
CA ARG G 17 15.14 40.88 -19.16
C ARG G 17 15.66 39.56 -19.71
N SER G 18 14.99 38.99 -20.71
CA SER G 18 15.52 37.80 -21.36
C SER G 18 16.86 38.11 -22.03
N SER G 19 16.95 39.24 -22.71
CA SER G 19 18.20 39.60 -23.36
C SER G 19 19.29 39.83 -22.33
N ARG G 20 18.95 40.41 -21.19
CA ARG G 20 19.94 40.58 -20.13
C ARG G 20 20.42 39.24 -19.60
N ALA G 21 19.50 38.30 -19.43
CA ALA G 21 19.88 36.97 -18.97
C ALA G 21 20.43 36.10 -20.07
N GLY G 22 20.27 36.50 -21.33
CA GLY G 22 20.70 35.67 -22.43
C GLY G 22 19.80 34.48 -22.70
N LEU G 23 18.49 34.65 -22.55
CA LEU G 23 17.54 33.57 -22.72
C LEU G 23 16.65 33.82 -23.92
N GLN G 24 16.03 32.74 -24.40
CA GLN G 24 14.98 32.87 -25.41
C GLN G 24 13.59 32.87 -24.80
N PHE G 25 13.43 32.39 -23.60
CA PHE G 25 12.14 32.37 -22.94
C PHE G 25 11.87 33.70 -22.23
N PRO G 26 10.60 34.05 -22.04
CA PRO G 26 10.26 35.39 -21.55
C PRO G 26 10.40 35.48 -20.04
N VAL G 27 11.38 36.25 -19.58
CA VAL G 27 11.53 36.43 -18.15
C VAL G 27 10.40 37.28 -17.59
N GLY G 28 9.97 38.29 -18.35
CA GLY G 28 8.90 39.15 -17.87
C GLY G 28 7.57 38.44 -17.75
N ARG G 29 7.21 37.65 -18.75
CA ARG G 29 5.96 36.91 -18.69
C ARG G 29 5.98 35.87 -17.60
N VAL G 30 7.11 35.19 -17.42
CA VAL G 30 7.24 34.25 -16.31
C VAL G 30 7.12 34.98 -14.98
N HIS G 31 7.68 36.18 -14.88
CA HIS G 31 7.54 36.95 -13.66
C HIS G 31 6.09 37.28 -13.37
N ARG G 32 5.35 37.69 -14.39
CA ARG G 32 3.94 37.98 -14.17
C ARG G 32 3.17 36.74 -13.77
N LEU G 33 3.45 35.60 -14.42
CA LEU G 33 2.74 34.38 -14.07
C LEU G 33 3.05 33.93 -12.66
N LEU G 34 4.29 34.12 -12.22
CA LEU G 34 4.60 33.83 -10.82
C LEU G 34 3.86 34.78 -9.90
N ARG G 35 3.70 36.04 -10.28
CA ARG G 35 3.04 36.98 -9.40
C ARG G 35 1.52 36.79 -9.36
N LYS G 36 0.92 36.36 -10.46
CA LYS G 36 -0.53 36.21 -10.53
C LYS G 36 -0.99 34.78 -10.32
N GLY G 37 -0.12 33.90 -9.89
CA GLY G 37 -0.47 32.53 -9.65
C GLY G 37 -0.67 32.15 -8.21
N ASN G 38 -0.50 33.09 -7.28
CA ASN G 38 -0.70 32.85 -5.85
C ASN G 38 0.26 31.77 -5.34
N TYR G 39 1.54 31.96 -5.62
CA TYR G 39 2.55 31.07 -5.12
C TYR G 39 3.21 31.60 -3.85
N ALA G 40 3.40 32.90 -3.78
CA ALA G 40 3.82 33.56 -2.56
C ALA G 40 3.47 35.04 -2.72
N GLU G 41 3.58 35.77 -1.63
CA GLU G 41 3.22 37.18 -1.70
C GLU G 41 4.30 38.03 -2.35
N ARG G 42 5.52 37.53 -2.45
CA ARG G 42 6.61 38.24 -3.10
C ARG G 42 7.37 37.29 -3.99
N VAL G 43 7.88 37.82 -5.10
CA VAL G 43 8.65 37.04 -6.06
C VAL G 43 9.96 37.78 -6.30
N GLY G 44 11.07 37.12 -6.00
CA GLY G 44 12.36 37.75 -6.11
C GLY G 44 12.70 38.12 -7.53
N ALA G 45 13.72 38.97 -7.67
CA ALA G 45 14.13 39.40 -9.00
C ALA G 45 14.69 38.26 -9.82
N GLY G 46 15.46 37.38 -9.21
CA GLY G 46 16.10 36.29 -9.91
C GLY G 46 15.28 35.04 -10.06
N ALA G 47 14.13 34.95 -9.39
CA ALA G 47 13.30 33.76 -9.53
C ALA G 47 12.76 33.58 -10.94
N PRO G 48 12.15 34.58 -11.57
CA PRO G 48 11.73 34.38 -12.96
C PRO G 48 12.88 34.09 -13.88
N VAL G 49 14.04 34.68 -13.65
CA VAL G 49 15.18 34.45 -14.52
C VAL G 49 15.62 33.00 -14.43
N TYR G 50 15.78 32.51 -13.20
CA TYR G 50 16.15 31.12 -13.01
C TYR G 50 15.13 30.19 -13.63
N LEU G 51 13.85 30.45 -13.42
CA LEU G 51 12.82 29.54 -13.90
C LEU G 51 12.72 29.56 -15.42
N ALA G 52 12.88 30.74 -16.03
CA ALA G 52 12.88 30.79 -17.48
C ALA G 52 14.07 30.03 -18.04
N ALA G 53 15.23 30.12 -17.39
CA ALA G 53 16.37 29.35 -17.85
C ALA G 53 16.11 27.85 -17.77
N VAL G 54 15.50 27.41 -16.67
CA VAL G 54 15.25 25.98 -16.50
C VAL G 54 14.22 25.47 -17.51
N LEU G 55 13.16 26.23 -17.72
CA LEU G 55 12.17 25.85 -18.72
C LEU G 55 12.78 25.82 -20.12
N GLU G 56 13.63 26.79 -20.42
CA GLU G 56 14.30 26.81 -21.71
C GLU G 56 15.20 25.60 -21.88
N TYR G 57 15.93 25.23 -20.84
CA TYR G 57 16.80 24.06 -20.91
C TYR G 57 16.00 22.80 -21.17
N LEU G 58 14.90 22.62 -20.43
CA LEU G 58 14.11 21.40 -20.61
C LEU G 58 13.47 21.35 -21.99
N THR G 59 12.97 22.49 -22.48
CA THR G 59 12.43 22.52 -23.82
C THR G 59 13.49 22.17 -24.84
N ALA G 60 14.70 22.72 -24.69
CA ALA G 60 15.75 22.42 -25.64
C ALA G 60 16.12 20.96 -25.61
N GLU G 61 16.16 20.35 -24.43
CA GLU G 61 16.47 18.93 -24.32
C GLU G 61 15.43 18.08 -25.05
N ILE G 62 14.15 18.31 -24.76
CA ILE G 62 13.11 17.54 -25.42
C ILE G 62 13.15 17.76 -26.92
N LEU G 63 13.35 18.99 -27.36
CA LEU G 63 13.30 19.29 -28.78
C LEU G 63 14.50 18.73 -29.50
N GLU G 64 15.66 18.71 -28.86
CA GLU G 64 16.82 18.03 -29.44
C GLU G 64 16.49 16.58 -29.72
N LEU G 65 15.98 15.88 -28.70
CA LEU G 65 15.71 14.46 -28.90
C LEU G 65 14.60 14.25 -29.92
N ALA G 66 13.59 15.11 -29.93
CA ALA G 66 12.50 14.97 -30.89
C ALA G 66 12.96 15.25 -32.32
N GLY G 67 13.89 16.19 -32.49
CA GLY G 67 14.44 16.44 -33.81
C GLY G 67 15.29 15.29 -34.30
N ASN G 68 16.06 14.68 -33.40
CA ASN G 68 16.76 13.46 -33.77
C ASN G 68 15.78 12.39 -34.21
N ALA G 69 14.68 12.22 -33.47
CA ALA G 69 13.69 11.22 -33.83
C ALA G 69 13.03 11.52 -35.16
N ALA G 70 12.78 12.79 -35.44
CA ALA G 70 12.21 13.16 -36.72
C ALA G 70 13.18 12.85 -37.85
N ARG G 71 14.46 13.13 -37.65
CA ARG G 71 15.46 12.79 -38.67
C ARG G 71 15.50 11.29 -38.92
N ASP G 72 15.43 10.49 -37.85
CA ASP G 72 15.49 9.05 -38.00
C ASP G 72 14.30 8.49 -38.76
N ASN G 73 13.22 9.26 -38.93
CA ASN G 73 12.08 8.83 -39.72
C ASN G 73 11.99 9.57 -41.05
N LYS G 74 13.08 10.21 -41.47
CA LYS G 74 13.14 10.93 -42.75
C LYS G 74 12.07 12.00 -42.86
N LYS G 75 11.67 12.58 -41.72
CA LYS G 75 10.79 13.72 -41.68
C LYS G 75 11.55 14.93 -41.16
N THR G 76 11.27 16.09 -41.72
CA THR G 76 11.93 17.32 -41.29
C THR G 76 11.01 18.20 -40.48
N ARG G 77 10.02 17.62 -39.83
CA ARG G 77 9.04 18.38 -39.07
C ARG G 77 8.57 17.53 -37.91
N ILE G 78 8.66 18.08 -36.70
CA ILE G 78 8.35 17.32 -35.49
C ILE G 78 6.84 17.17 -35.36
N ILE G 79 6.40 15.95 -35.04
CA ILE G 79 4.98 15.67 -34.79
C ILE G 79 4.89 14.96 -33.44
N PRO G 80 3.69 14.80 -32.86
CA PRO G 80 3.62 14.22 -31.52
C PRO G 80 4.28 12.86 -31.39
N ARG G 81 4.30 12.06 -32.45
CA ARG G 81 4.97 10.77 -32.39
C ARG G 81 6.44 10.93 -32.04
N HIS G 82 7.10 11.95 -32.59
CA HIS G 82 8.52 12.13 -32.35
C HIS G 82 8.79 12.60 -30.93
N LEU G 83 7.92 13.46 -30.39
CA LEU G 83 8.02 13.82 -29.00
C LEU G 83 7.85 12.61 -28.10
N GLN G 84 6.88 11.75 -28.43
CA GLN G 84 6.69 10.53 -27.65
C GLN G 84 7.92 9.64 -27.71
N LEU G 85 8.47 9.44 -28.90
CA LEU G 85 9.65 8.59 -29.03
C LEU G 85 10.81 9.15 -28.25
N ALA G 86 11.02 10.47 -28.35
CA ALA G 86 12.11 11.10 -27.60
C ALA G 86 11.93 10.94 -26.10
N ILE G 87 10.70 11.11 -25.62
CA ILE G 87 10.45 11.07 -24.19
C ILE G 87 10.61 9.66 -23.66
N ARG G 88 10.04 8.68 -24.36
CA ARG G 88 10.07 7.31 -23.86
C ARG G 88 11.42 6.66 -24.05
N ASN G 89 12.19 7.07 -25.05
CA ASN G 89 13.51 6.49 -25.24
C ASN G 89 14.56 7.07 -24.30
N ASP G 90 14.34 8.25 -23.75
CA ASP G 90 15.26 8.82 -22.78
C ASP G 90 14.82 8.44 -21.38
N GLU G 91 15.79 8.12 -20.52
CA GLU G 91 15.45 7.68 -19.17
C GLU G 91 15.01 8.83 -18.28
N GLU G 92 15.72 9.95 -18.33
CA GLU G 92 15.40 11.07 -17.45
C GLU G 92 14.07 11.71 -17.81
N LEU G 93 13.85 11.95 -19.10
CA LEU G 93 12.58 12.51 -19.52
C LEU G 93 11.44 11.53 -19.29
N ASN G 94 11.74 10.24 -19.27
CA ASN G 94 10.68 9.28 -18.98
C ASN G 94 10.34 9.27 -17.50
N LYS G 95 11.33 9.43 -16.63
CA LYS G 95 11.01 9.62 -15.21
C LYS G 95 10.19 10.89 -15.01
N LEU G 96 10.59 11.97 -15.67
CA LEU G 96 9.89 13.23 -15.48
C LEU G 96 8.46 13.15 -15.97
N LEU G 97 8.25 12.57 -17.14
CA LEU G 97 6.94 12.50 -17.77
C LEU G 97 6.39 11.08 -17.76
N GLY G 98 6.55 10.38 -16.63
CA GLY G 98 6.09 9.01 -16.57
C GLY G 98 4.59 8.87 -16.49
N LYS G 99 3.90 9.87 -15.95
CA LYS G 99 2.46 9.82 -15.78
C LYS G 99 1.73 10.71 -16.77
N VAL G 100 2.36 11.02 -17.89
CA VAL G 100 1.82 11.95 -18.86
C VAL G 100 1.40 11.18 -20.10
N THR G 101 0.23 11.50 -20.62
CA THR G 101 -0.24 10.97 -21.88
C THR G 101 -0.06 12.02 -22.95
N ILE G 102 0.45 11.61 -24.10
CA ILE G 102 0.73 12.52 -25.20
C ILE G 102 -0.24 12.19 -26.33
N ALA G 103 -1.06 13.16 -26.68
CA ALA G 103 -2.11 12.92 -27.67
C ALA G 103 -1.51 12.55 -29.02
N GLN G 104 -2.05 11.51 -29.63
CA GLN G 104 -1.59 11.03 -30.93
C GLN G 104 -0.11 10.67 -30.89
N GLY G 105 0.34 10.14 -29.76
CA GLY G 105 1.73 9.77 -29.63
C GLY G 105 2.02 8.30 -29.88
N GLY G 106 1.07 7.43 -29.64
CA GLY G 106 1.32 6.02 -29.82
C GLY G 106 2.17 5.45 -28.70
N VAL G 107 2.79 4.30 -28.97
CA VAL G 107 3.57 3.56 -28.00
C VAL G 107 4.93 3.26 -28.60
N LEU G 108 5.90 2.95 -27.74
CA LEU G 108 7.15 2.39 -28.21
C LEU G 108 6.91 1.03 -28.84
N PRO G 109 7.69 0.66 -29.83
CA PRO G 109 7.60 -0.69 -30.38
C PRO G 109 8.27 -1.73 -29.51
N ASN G 110 7.53 -2.32 -28.57
CA ASN G 110 8.05 -3.35 -27.69
C ASN G 110 7.19 -4.60 -27.80
N ILE G 111 7.83 -5.74 -28.04
CA ILE G 111 7.18 -7.05 -28.01
C ILE G 111 7.99 -7.92 -27.07
N GLN G 112 7.30 -8.62 -26.17
CA GLN G 112 8.01 -9.45 -25.21
C GLN G 112 8.66 -10.64 -25.90
N ALA G 113 9.82 -11.05 -25.40
CA ALA G 113 10.61 -12.07 -26.06
C ALA G 113 9.95 -13.44 -26.02
N VAL G 114 9.01 -13.65 -25.10
CA VAL G 114 8.34 -14.94 -25.02
C VAL G 114 7.28 -15.11 -26.11
N LEU G 115 6.87 -14.04 -26.75
CA LEU G 115 5.82 -14.12 -27.76
C LEU G 115 6.36 -14.30 -29.17
N LEU G 116 7.65 -14.11 -29.39
CA LEU G 116 8.23 -14.27 -30.71
C LEU G 116 8.20 -15.74 -31.11
N PRO G 117 8.08 -16.03 -32.40
CA PRO G 117 7.93 -17.42 -32.84
C PRO G 117 9.17 -18.24 -32.47
N LYS G 118 8.92 -19.42 -31.93
CA LYS G 118 10.02 -20.30 -31.55
C LYS G 118 10.76 -20.79 -32.78
N LYS G 119 12.08 -20.85 -32.67
CA LYS G 119 12.93 -21.20 -33.81
C LYS G 119 12.76 -22.67 -34.21
N LYS H 30 -12.73 42.75 -29.24
CA LYS H 30 -13.53 41.54 -29.37
C LYS H 30 -12.68 40.30 -29.16
N ARG H 31 -12.03 39.83 -30.22
CA ARG H 31 -11.20 38.62 -30.14
C ARG H 31 -10.09 38.79 -29.12
N SER H 32 -10.20 38.08 -28.00
CA SER H 32 -9.22 38.22 -26.93
C SER H 32 -7.93 37.50 -27.31
N ARG H 33 -6.85 37.92 -26.66
CA ARG H 33 -5.52 37.40 -26.91
C ARG H 33 -5.26 36.20 -26.01
N LYS H 34 -4.89 35.08 -26.61
CA LYS H 34 -4.57 33.87 -25.88
C LYS H 34 -3.05 33.68 -25.92
N GLU H 35 -2.40 33.81 -24.78
CA GLU H 35 -0.95 33.69 -24.72
C GLU H 35 -0.54 32.23 -24.80
N SER H 36 0.67 32.02 -25.32
CA SER H 36 1.24 30.69 -25.43
C SER H 36 2.74 30.84 -25.60
N TYR H 37 3.46 29.73 -25.39
CA TYR H 37 4.90 29.71 -25.55
C TYR H 37 5.33 29.29 -26.94
N SER H 38 4.49 29.50 -27.94
CA SER H 38 4.80 29.00 -29.27
C SER H 38 6.05 29.65 -29.86
N ILE H 39 6.14 30.97 -29.78
CA ILE H 39 7.27 31.65 -30.41
C ILE H 39 8.56 31.31 -29.70
N TYR H 40 8.52 31.12 -28.38
CA TYR H 40 9.74 30.79 -27.65
C TYR H 40 10.17 29.36 -27.88
N VAL H 41 9.21 28.43 -27.95
CA VAL H 41 9.55 27.06 -28.29
C VAL H 41 10.15 27.00 -29.68
N TYR H 42 9.60 27.79 -30.61
CA TYR H 42 10.14 27.80 -31.96
C TYR H 42 11.52 28.45 -31.99
N LYS H 43 11.75 29.47 -31.19
CA LYS H 43 13.08 30.07 -31.12
C LYS H 43 14.10 29.08 -30.58
N VAL H 44 13.73 28.33 -29.56
CA VAL H 44 14.66 27.34 -29.01
C VAL H 44 14.89 26.22 -30.01
N LEU H 45 13.85 25.84 -30.76
CA LEU H 45 14.00 24.79 -31.76
C LEU H 45 14.98 25.19 -32.84
N LYS H 46 14.93 26.44 -33.30
CA LYS H 46 15.83 26.84 -34.36
C LYS H 46 17.27 26.97 -33.89
N GLN H 47 17.50 27.03 -32.59
CA GLN H 47 18.88 26.99 -32.09
C GLN H 47 19.45 25.59 -32.19
N VAL H 48 18.67 24.59 -31.80
CA VAL H 48 19.20 23.24 -31.67
C VAL H 48 18.97 22.40 -32.91
N HIS H 49 18.04 22.80 -33.79
CA HIS H 49 17.83 22.14 -35.06
C HIS H 49 17.43 23.21 -36.07
N PRO H 50 18.41 23.84 -36.70
CA PRO H 50 18.08 24.99 -37.57
C PRO H 50 17.11 24.66 -38.68
N ASP H 51 17.26 23.50 -39.33
CA ASP H 51 16.38 23.13 -40.43
C ASP H 51 15.35 22.10 -39.99
N THR H 52 14.51 22.47 -39.03
CA THR H 52 13.46 21.57 -38.57
C THR H 52 12.26 22.40 -38.18
N GLY H 53 11.09 21.96 -38.60
CA GLY H 53 9.85 22.60 -38.23
C GLY H 53 9.13 21.83 -37.15
N ILE H 54 7.87 22.22 -36.91
CA ILE H 54 7.11 21.57 -35.87
C ILE H 54 5.63 21.73 -36.17
N SER H 55 4.88 20.64 -36.05
CA SER H 55 3.46 20.64 -36.31
C SER H 55 2.73 21.47 -35.25
N SER H 56 1.51 21.90 -35.58
CA SER H 56 0.74 22.64 -34.61
C SER H 56 0.40 21.78 -33.39
N LYS H 57 0.09 20.51 -33.62
CA LYS H 57 -0.21 19.63 -32.50
C LYS H 57 1.03 19.39 -31.63
N ALA H 58 2.19 19.25 -32.24
CA ALA H 58 3.41 19.11 -31.45
C ALA H 58 3.72 20.39 -30.69
N MET H 59 3.43 21.55 -31.29
CA MET H 59 3.61 22.79 -30.56
C MET H 59 2.63 22.89 -29.40
N GLY H 60 1.41 22.40 -29.59
CA GLY H 60 0.48 22.36 -28.48
C GLY H 60 0.96 21.47 -27.36
N ILE H 61 1.54 20.33 -27.71
CA ILE H 61 2.12 19.45 -26.69
C ILE H 61 3.26 20.13 -25.97
N MET H 62 4.07 20.90 -26.69
CA MET H 62 5.17 21.62 -26.05
C MET H 62 4.64 22.72 -25.13
N ASN H 63 3.55 23.37 -25.52
CA ASN H 63 2.91 24.33 -24.63
C ASN H 63 2.44 23.67 -23.35
N SER H 64 1.75 22.54 -23.49
CA SER H 64 1.28 21.83 -22.30
C SER H 64 2.44 21.39 -21.44
N PHE H 65 3.54 20.99 -22.06
CA PHE H 65 4.70 20.56 -21.30
C PHE H 65 5.31 21.72 -20.52
N VAL H 66 5.46 22.88 -21.16
CA VAL H 66 6.04 24.01 -20.45
C VAL H 66 5.14 24.47 -19.34
N ASN H 67 3.83 24.50 -19.57
CA ASN H 67 2.92 24.89 -18.51
C ASN H 67 2.94 23.90 -17.36
N ASP H 68 2.99 22.60 -17.65
CA ASP H 68 3.04 21.59 -16.61
C ASP H 68 4.29 21.72 -15.78
N ILE H 69 5.44 21.89 -16.42
CA ILE H 69 6.70 21.98 -15.68
C ILE H 69 6.76 23.29 -14.91
N PHE H 70 6.25 24.37 -15.49
CA PHE H 70 6.17 25.63 -14.76
C PHE H 70 5.35 25.46 -13.50
N GLU H 71 4.19 24.82 -13.61
CA GLU H 71 3.34 24.65 -12.44
C GLU H 71 3.98 23.76 -11.40
N ARG H 72 4.65 22.69 -11.82
CA ARG H 72 5.32 21.84 -10.85
C ARG H 72 6.39 22.59 -10.08
N ILE H 73 7.29 23.26 -10.81
CA ILE H 73 8.38 23.96 -10.13
C ILE H 73 7.82 25.09 -9.27
N ALA H 74 6.86 25.84 -9.81
CA ALA H 74 6.31 26.96 -9.07
C ALA H 74 5.60 26.50 -7.81
N GLY H 75 4.80 25.43 -7.90
CA GLY H 75 4.13 24.94 -6.71
C GLY H 75 5.10 24.38 -5.68
N GLU H 76 6.11 23.65 -6.13
CA GLU H 76 7.07 23.09 -5.19
C GLU H 76 7.84 24.17 -4.48
N ALA H 77 8.26 25.21 -5.21
CA ALA H 77 8.94 26.32 -4.57
C ALA H 77 8.01 27.11 -3.69
N SER H 78 6.74 27.19 -4.07
CA SER H 78 5.76 27.92 -3.26
C SER H 78 5.60 27.27 -1.91
N ARG H 79 5.32 25.97 -1.90
CA ARG H 79 5.16 25.32 -0.60
C ARG H 79 6.48 25.16 0.11
N LEU H 80 7.58 25.19 -0.63
CA LEU H 80 8.90 25.18 -0.02
C LEU H 80 9.19 26.48 0.70
N ALA H 81 8.62 27.58 0.23
CA ALA H 81 8.70 28.83 0.97
C ALA H 81 7.80 28.82 2.18
N HIS H 82 6.64 28.17 2.07
CA HIS H 82 5.72 28.12 3.19
C HIS H 82 6.26 27.25 4.31
N TYR H 83 6.97 26.18 3.97
CA TYR H 83 7.55 25.32 5.01
C TYR H 83 8.52 26.10 5.87
N ASN H 84 9.32 26.97 5.26
CA ASN H 84 10.32 27.73 5.96
C ASN H 84 9.81 29.05 6.48
N LYS H 85 8.50 29.27 6.42
CA LYS H 85 7.88 30.50 6.91
C LYS H 85 8.48 31.73 6.24
N ARG H 86 8.63 31.66 4.93
CA ARG H 86 9.02 32.79 4.11
C ARG H 86 7.81 33.27 3.33
N SER H 87 7.96 34.44 2.72
CA SER H 87 6.93 34.97 1.85
C SER H 87 7.46 35.31 0.47
N THR H 88 8.74 35.12 0.21
CA THR H 88 9.37 35.46 -1.05
C THR H 88 9.83 34.19 -1.75
N ILE H 89 9.45 34.05 -3.01
CA ILE H 89 9.97 32.99 -3.86
C ILE H 89 11.19 33.52 -4.58
N THR H 90 12.36 33.00 -4.24
CA THR H 90 13.61 33.46 -4.77
C THR H 90 14.25 32.41 -5.66
N SER H 91 15.46 32.71 -6.12
CA SER H 91 16.18 31.74 -6.93
C SER H 91 16.59 30.54 -6.11
N ARG H 92 16.79 30.70 -4.79
CA ARG H 92 17.07 29.53 -3.97
C ARG H 92 15.88 28.59 -3.92
N GLU H 93 14.67 29.13 -3.78
CA GLU H 93 13.49 28.29 -3.82
C GLU H 93 13.36 27.60 -5.18
N ILE H 94 13.56 28.35 -6.27
CA ILE H 94 13.45 27.73 -7.58
C ILE H 94 14.51 26.64 -7.76
N GLN H 95 15.72 26.89 -7.27
CA GLN H 95 16.78 25.91 -7.40
C GLN H 95 16.47 24.64 -6.62
N THR H 96 15.99 24.78 -5.39
CA THR H 96 15.65 23.60 -4.63
C THR H 96 14.47 22.87 -5.22
N ALA H 97 13.51 23.59 -5.80
CA ALA H 97 12.40 22.94 -6.46
C ALA H 97 12.85 22.22 -7.72
N VAL H 98 13.95 22.67 -8.33
CA VAL H 98 14.51 21.96 -9.46
C VAL H 98 15.14 20.64 -9.02
N ARG H 99 15.86 20.66 -7.91
CA ARG H 99 16.50 19.45 -7.42
C ARG H 99 15.49 18.42 -6.95
N LEU H 100 14.38 18.87 -6.35
CA LEU H 100 13.36 17.95 -5.90
C LEU H 100 12.63 17.30 -7.06
N LEU H 101 12.33 18.07 -8.11
CA LEU H 101 11.47 17.56 -9.17
C LEU H 101 12.22 16.91 -10.31
N LEU H 102 13.41 17.33 -10.58
CA LEU H 102 14.05 16.73 -11.73
C LEU H 102 15.00 15.62 -11.32
N PRO H 103 15.17 14.59 -12.15
CA PRO H 103 16.08 13.50 -11.82
C PRO H 103 17.51 13.80 -12.23
N GLY H 104 18.44 13.21 -11.49
CA GLY H 104 19.83 13.08 -11.92
C GLY H 104 20.47 14.17 -12.75
N GLU H 105 20.80 13.80 -13.99
CA GLU H 105 21.53 14.71 -14.87
C GLU H 105 20.66 15.87 -15.32
N LEU H 106 19.35 15.65 -15.45
CA LEU H 106 18.47 16.77 -15.75
C LEU H 106 18.56 17.81 -14.66
N ALA H 107 18.56 17.38 -13.40
CA ALA H 107 18.67 18.31 -12.30
C ALA H 107 20.02 19.02 -12.31
N LYS H 108 21.10 18.28 -12.52
CA LYS H 108 22.42 18.90 -12.53
C LYS H 108 22.52 19.97 -13.61
N HIS H 109 22.12 19.63 -14.83
CA HIS H 109 22.28 20.56 -15.94
C HIS H 109 21.31 21.71 -15.85
N ALA H 110 20.08 21.47 -15.39
CA ALA H 110 19.13 22.55 -15.21
C ALA H 110 19.60 23.52 -14.15
N VAL H 111 20.13 23.00 -13.04
CA VAL H 111 20.66 23.87 -12.00
C VAL H 111 21.79 24.72 -12.54
N SER H 112 22.72 24.09 -13.25
CA SER H 112 23.86 24.86 -13.76
C SER H 112 23.40 25.92 -14.75
N GLU H 113 22.46 25.58 -15.63
CA GLU H 113 21.98 26.54 -16.61
C GLU H 113 21.28 27.71 -15.95
N GLY H 114 20.38 27.44 -15.01
CA GLY H 114 19.70 28.51 -14.33
C GLY H 114 20.64 29.38 -13.51
N THR H 115 21.62 28.76 -12.86
CA THR H 115 22.63 29.53 -12.13
C THR H 115 23.39 30.45 -13.07
N LYS H 116 23.73 29.96 -14.25
CA LYS H 116 24.43 30.78 -15.23
C LYS H 116 23.57 31.96 -15.66
N ALA H 117 22.30 31.71 -15.94
CA ALA H 117 21.42 32.79 -16.38
C ALA H 117 21.22 33.83 -15.29
N VAL H 118 21.14 33.41 -14.03
CA VAL H 118 21.00 34.36 -12.94
C VAL H 118 22.27 35.14 -12.72
N THR H 119 23.42 34.46 -12.78
CA THR H 119 24.69 35.15 -12.53
C THR H 119 25.07 36.06 -13.68
N LYS H 120 24.50 35.88 -14.86
CA LYS H 120 24.74 36.79 -15.96
C LYS H 120 23.65 37.84 -16.09
N TYR H 121 22.50 37.62 -15.45
CA TYR H 121 21.45 38.63 -15.40
C TYR H 121 21.85 39.78 -14.50
N THR H 122 22.47 39.48 -13.37
CA THR H 122 22.80 40.48 -12.36
C THR H 122 24.08 41.22 -12.65
N SER H 123 24.78 40.91 -13.74
CA SER H 123 25.96 41.65 -14.15
C SER H 123 25.64 42.60 -15.29
N ALA H 124 24.37 42.80 -15.58
CA ALA H 124 23.96 43.72 -16.63
C ALA H 124 22.96 44.73 -16.08
N ARG K 14 0.27 -57.43 39.42
CA ARG K 14 -0.84 -56.92 40.23
C ARG K 14 -1.44 -55.68 39.60
N LYS K 15 -1.04 -54.52 40.12
CA LYS K 15 -1.41 -53.21 39.61
C LYS K 15 -0.16 -52.44 39.23
N PRO K 16 -0.28 -51.42 38.39
CA PRO K 16 0.88 -50.59 38.08
C PRO K 16 1.39 -49.92 39.34
N PRO K 17 2.68 -49.67 39.42
CA PRO K 17 3.22 -49.00 40.61
C PRO K 17 2.55 -47.65 40.81
N PRO K 18 2.35 -47.24 42.06
CA PRO K 18 1.54 -46.05 42.33
C PRO K 18 2.16 -44.78 41.78
N TYR K 19 1.30 -43.88 41.30
CA TYR K 19 1.71 -42.57 40.82
C TYR K 19 0.62 -41.57 41.15
N LYS K 20 1.04 -40.34 41.45
CA LYS K 20 0.10 -39.26 41.76
C LYS K 20 -0.62 -38.87 40.47
N HIS K 21 -1.84 -39.38 40.29
CA HIS K 21 -2.60 -39.13 39.07
C HIS K 21 -3.04 -37.68 39.05
N ILE K 22 -2.29 -36.84 38.35
CA ILE K 22 -2.57 -35.43 38.27
C ILE K 22 -3.35 -35.15 37.01
N LYS K 23 -3.86 -33.93 36.89
CA LYS K 23 -4.71 -33.54 35.77
C LYS K 23 -4.10 -32.49 34.88
N VAL K 24 -3.24 -31.62 35.41
CA VAL K 24 -2.61 -30.57 34.64
C VAL K 24 -1.11 -30.62 34.91
N ASN K 25 -0.33 -30.10 33.96
CA ASN K 25 1.12 -30.13 34.06
C ASN K 25 1.59 -29.49 35.36
N LYS K 26 2.51 -30.15 36.04
CA LYS K 26 3.06 -29.66 37.28
C LYS K 26 4.51 -29.25 37.09
N PRO K 27 4.84 -27.97 37.22
CA PRO K 27 6.23 -27.56 37.14
C PRO K 27 7.03 -28.06 38.34
N TYR K 28 8.34 -28.11 38.17
CA TYR K 28 9.23 -28.66 39.18
C TYR K 28 10.63 -28.11 38.95
N GLY K 29 11.38 -27.98 40.05
CA GLY K 29 12.71 -27.42 39.93
C GLY K 29 12.63 -25.96 39.53
N LYS K 30 13.56 -25.54 38.67
CA LYS K 30 13.61 -24.17 38.18
C LYS K 30 13.04 -24.04 36.78
N VAL K 31 12.03 -24.83 36.44
CA VAL K 31 11.34 -24.65 35.18
C VAL K 31 10.35 -23.50 35.30
N GLN K 32 9.97 -22.94 34.16
CA GLN K 32 9.08 -21.80 34.17
C GLN K 32 8.18 -21.82 32.94
N ILE K 33 6.87 -21.70 33.17
CA ILE K 33 5.89 -21.68 32.10
CA ILE K 33 5.91 -21.68 32.08
C ILE K 33 5.85 -20.29 31.48
N TYR K 34 5.22 -20.20 30.31
CA TYR K 34 4.98 -18.93 29.65
C TYR K 34 3.47 -18.83 29.45
N THR K 35 2.77 -18.34 30.46
CA THR K 35 1.33 -18.16 30.38
C THR K 35 1.02 -16.72 30.04
N ALA K 36 0.35 -16.50 28.92
CA ALA K 36 0.01 -15.16 28.47
C ALA K 36 -1.34 -14.74 29.01
N ASP K 37 -1.62 -13.44 28.92
CA ASP K 37 -2.88 -12.90 29.37
C ASP K 37 -3.98 -13.16 28.35
N ILE K 38 -5.22 -13.20 28.83
CA ILE K 38 -6.36 -13.55 28.02
C ILE K 38 -6.54 -12.62 26.83
N SER K 39 -5.91 -11.43 26.86
CA SER K 39 -6.05 -10.51 25.75
C SER K 39 -5.25 -10.95 24.54
N GLU K 40 -4.11 -11.61 24.74
CA GLU K 40 -3.20 -11.94 23.64
C GLU K 40 -3.26 -13.41 23.24
N ILE K 41 -4.40 -14.07 23.43
CA ILE K 41 -4.55 -15.41 22.87
C ILE K 41 -5.37 -15.28 21.59
N PRO K 42 -5.04 -16.04 20.55
CA PRO K 42 -5.66 -15.81 19.24
C PRO K 42 -7.16 -16.03 19.29
N LYS K 43 -7.86 -15.32 18.40
CA LYS K 43 -9.29 -15.41 18.27
C LYS K 43 -9.63 -15.72 16.83
N CYS K 44 -10.50 -16.69 16.60
CA CYS K 44 -10.82 -17.12 15.24
C CYS K 44 -11.91 -16.23 14.65
N ASN K 45 -12.46 -16.67 13.52
CA ASN K 45 -13.56 -15.99 12.85
C ASN K 45 -14.83 -16.81 12.86
N CYS K 46 -14.86 -17.91 13.60
CA CYS K 46 -16.05 -18.73 13.66
C CYS K 46 -17.17 -17.97 14.37
N LYS K 47 -18.41 -18.34 14.01
CA LYS K 47 -19.55 -17.64 14.56
C LYS K 47 -20.42 -18.60 15.37
N PRO K 48 -21.06 -18.12 16.44
CA PRO K 48 -21.88 -19.03 17.25
C PRO K 48 -23.06 -19.63 16.50
N THR K 49 -23.46 -19.04 15.38
CA THR K 49 -24.58 -19.54 14.60
C THR K 49 -24.15 -20.56 13.56
N ASP K 50 -22.87 -20.93 13.53
CA ASP K 50 -22.38 -21.80 12.49
C ASP K 50 -22.87 -23.23 12.70
N GLU K 51 -22.64 -24.07 11.69
CA GLU K 51 -23.09 -25.45 11.77
C GLU K 51 -22.39 -26.20 12.89
N ASN K 52 -21.09 -25.96 13.07
CA ASN K 52 -20.33 -26.52 14.19
C ASN K 52 -19.23 -25.54 14.53
N PRO K 53 -19.52 -24.56 15.39
CA PRO K 53 -18.55 -23.49 15.63
C PRO K 53 -17.26 -24.04 16.19
N CYS K 54 -16.16 -23.74 15.51
CA CYS K 54 -14.84 -24.22 15.87
C CYS K 54 -14.80 -25.75 15.94
N GLY K 55 -15.65 -26.39 15.15
CA GLY K 55 -15.75 -27.82 15.17
C GLY K 55 -14.54 -28.49 14.57
N PHE K 56 -14.52 -29.82 14.69
CA PHE K 56 -13.37 -30.58 14.22
C PHE K 56 -13.17 -30.44 12.72
N ASP K 57 -14.26 -30.56 11.96
CA ASP K 57 -14.16 -30.58 10.50
C ASP K 57 -14.40 -29.22 9.87
N SER K 58 -14.69 -28.19 10.65
CA SER K 58 -14.92 -26.86 10.12
C SER K 58 -13.59 -26.21 9.75
N GLU K 59 -13.63 -24.93 9.41
CA GLU K 59 -12.44 -24.17 9.04
C GLU K 59 -11.97 -23.26 10.16
N CYS K 60 -12.03 -23.71 11.41
CA CYS K 60 -11.61 -22.87 12.52
C CYS K 60 -10.15 -22.48 12.35
N LEU K 61 -9.89 -21.18 12.43
CA LEU K 61 -8.54 -20.69 12.25
C LEU K 61 -7.66 -20.98 13.46
N ASN K 62 -8.25 -21.29 14.60
CA ASN K 62 -7.45 -21.74 15.73
C ASN K 62 -7.17 -23.22 15.64
N ARG K 63 -8.16 -24.00 15.20
CA ARG K 63 -7.96 -25.44 15.06
C ARG K 63 -6.96 -25.75 13.97
N MET K 64 -7.03 -25.02 12.85
CA MET K 64 -6.08 -25.27 11.78
C MET K 64 -4.65 -25.05 12.23
N LEU K 65 -4.43 -24.13 13.15
CA LEU K 65 -3.08 -23.75 13.55
C LEU K 65 -2.68 -24.34 14.88
N MET K 66 -3.40 -25.36 15.36
CA MET K 66 -3.10 -26.00 16.63
C MET K 66 -3.17 -25.02 17.79
N PHE K 67 -4.13 -24.09 17.71
CA PHE K 67 -4.47 -23.19 18.80
C PHE K 67 -5.79 -23.62 19.42
N GLU K 68 -5.86 -23.50 20.73
CA GLU K 68 -7.05 -23.87 21.48
C GLU K 68 -7.86 -22.61 21.73
N CYS K 69 -9.13 -22.65 21.37
CA CYS K 69 -9.99 -21.50 21.62
C CYS K 69 -10.19 -21.32 23.12
N HIS K 70 -10.61 -20.12 23.49
CA HIS K 70 -10.88 -19.78 24.87
C HIS K 70 -12.32 -19.29 24.96
N PRO K 71 -13.13 -19.86 25.85
CA PRO K 71 -14.56 -19.51 25.86
C PRO K 71 -14.81 -18.03 26.13
N GLN K 72 -13.93 -17.38 26.88
CA GLN K 72 -14.04 -15.95 27.15
C GLN K 72 -13.42 -15.10 26.05
N VAL K 73 -12.80 -15.72 25.05
CA VAL K 73 -12.27 -15.00 23.89
C VAL K 73 -12.95 -15.44 22.61
N CYS K 74 -13.24 -16.72 22.47
CA CYS K 74 -13.80 -17.23 21.23
C CYS K 74 -15.12 -16.54 20.95
N PRO K 75 -15.32 -16.01 19.74
CA PRO K 75 -16.62 -15.39 19.42
C PRO K 75 -17.78 -16.35 19.43
N ALA K 76 -17.52 -17.65 19.33
CA ALA K 76 -18.60 -18.62 19.40
C ALA K 76 -19.11 -18.82 20.81
N GLY K 77 -18.46 -18.22 21.80
CA GLY K 77 -18.92 -18.31 23.17
C GLY K 77 -18.83 -19.70 23.74
N GLU K 78 -19.98 -20.35 23.91
CA GLU K 78 -20.02 -21.71 24.43
C GLU K 78 -20.26 -22.75 23.35
N PHE K 79 -20.57 -22.33 22.13
CA PHE K 79 -20.74 -23.28 21.03
C PHE K 79 -19.41 -23.74 20.45
N CYS K 80 -18.30 -23.41 21.09
CA CYS K 80 -16.97 -23.73 20.59
C CYS K 80 -16.63 -25.17 20.94
N GLN K 81 -16.56 -26.03 19.93
CA GLN K 81 -16.11 -27.40 20.12
C GLN K 81 -14.59 -27.52 20.07
N ASN K 82 -13.88 -26.43 20.30
CA ASN K 82 -12.43 -26.40 20.28
C ASN K 82 -11.86 -26.07 21.65
N GLN K 83 -12.40 -26.69 22.69
CA GLN K 83 -11.85 -26.56 24.02
C GLN K 83 -11.50 -27.92 24.59
N CYS K 84 -11.02 -28.81 23.72
CA CYS K 84 -10.79 -30.21 24.08
C CYS K 84 -9.65 -30.40 25.06
N PHE K 85 -8.84 -29.39 25.31
CA PHE K 85 -7.75 -29.56 26.27
C PHE K 85 -8.17 -29.21 27.69
N THR K 86 -8.71 -28.02 27.89
CA THR K 86 -9.07 -27.61 29.25
C THR K 86 -10.30 -28.34 29.76
N LYS K 87 -11.23 -28.69 28.88
CA LYS K 87 -12.40 -29.45 29.31
C LYS K 87 -12.13 -30.94 29.42
N ARG K 88 -11.03 -31.43 28.86
CA ARG K 88 -10.57 -32.80 29.09
C ARG K 88 -11.60 -33.83 28.65
N GLN K 89 -11.99 -33.76 27.37
CA GLN K 89 -12.94 -34.73 26.84
C GLN K 89 -12.25 -36.03 26.44
N TYR K 90 -11.51 -36.64 27.36
CA TYR K 90 -10.84 -37.89 27.05
C TYR K 90 -11.86 -39.00 26.90
N PRO K 91 -11.92 -39.69 25.77
CA PRO K 91 -12.80 -40.85 25.68
C PRO K 91 -12.41 -41.90 26.71
N GLU K 92 -13.41 -42.61 27.22
CA GLU K 92 -13.18 -43.50 28.34
C GLU K 92 -12.23 -44.63 27.95
N THR K 93 -11.30 -44.95 28.85
CA THR K 93 -10.31 -45.97 28.55
C THR K 93 -9.82 -46.61 29.84
N LYS K 94 -9.27 -47.82 29.69
CA LYS K 94 -8.81 -48.62 30.81
C LYS K 94 -7.43 -49.17 30.50
N ILE K 95 -6.81 -49.75 31.52
CA ILE K 95 -5.42 -50.17 31.47
C ILE K 95 -5.36 -51.69 31.52
N ILE K 96 -4.59 -52.28 30.60
CA ILE K 96 -4.46 -53.72 30.45
C ILE K 96 -2.98 -54.06 30.36
N LYS K 97 -2.54 -55.06 31.09
CA LYS K 97 -1.16 -55.52 30.97
C LYS K 97 -0.89 -56.03 29.57
N THR K 98 0.26 -55.66 29.01
CA THR K 98 0.62 -56.02 27.66
C THR K 98 1.47 -57.29 27.67
N ASP K 99 1.92 -57.71 26.47
CA ASP K 99 2.71 -58.91 26.34
C ASP K 99 4.06 -58.80 27.02
N GLY K 100 4.92 -57.91 26.53
CA GLY K 100 6.24 -57.76 27.09
C GLY K 100 6.67 -56.32 27.17
N LYS K 101 5.68 -55.43 27.27
CA LYS K 101 5.92 -54.00 27.34
C LYS K 101 5.45 -53.36 28.64
N GLY K 102 4.56 -54.02 29.38
CA GLY K 102 4.06 -53.47 30.63
C GLY K 102 2.56 -53.34 30.60
N TRP K 103 2.06 -52.11 30.71
CA TRP K 103 0.63 -51.84 30.71
C TRP K 103 0.31 -50.87 29.59
N GLY K 104 -0.60 -51.25 28.71
CA GLY K 104 -1.16 -50.37 27.73
C GLY K 104 -2.59 -49.98 28.10
N LEU K 105 -3.24 -49.29 27.18
CA LEU K 105 -4.62 -48.86 27.44
C LEU K 105 -5.48 -49.12 26.21
N VAL K 106 -6.75 -49.40 26.48
CA VAL K 106 -7.76 -49.62 25.45
C VAL K 106 -8.96 -48.75 25.77
N ALA K 107 -9.54 -48.15 24.74
CA ALA K 107 -10.66 -47.23 24.91
C ALA K 107 -11.96 -48.00 25.13
N LYS K 108 -13.06 -47.25 25.23
CA LYS K 108 -14.37 -47.82 25.46
C LYS K 108 -15.31 -47.70 24.27
N ARG K 109 -14.85 -47.15 23.15
CA ARG K 109 -15.72 -46.96 22.01
C ARG K 109 -14.87 -46.84 20.75
N ASP K 110 -15.53 -46.85 19.60
CA ASP K 110 -14.86 -46.57 18.35
C ASP K 110 -14.44 -45.11 18.31
N ILE K 111 -13.34 -44.84 17.60
CA ILE K 111 -12.76 -43.51 17.50
C ILE K 111 -12.56 -43.19 16.02
N ARG K 112 -13.13 -42.08 15.58
CA ARG K 112 -12.96 -41.67 14.19
C ARG K 112 -11.68 -40.86 14.03
N LYS K 113 -11.04 -41.02 12.88
CA LYS K 113 -9.69 -40.48 12.67
C LYS K 113 -9.66 -38.99 12.91
N GLY K 114 -8.85 -38.56 13.88
CA GLY K 114 -8.72 -37.17 14.24
C GLY K 114 -9.34 -36.79 15.55
N GLU K 115 -9.99 -37.72 16.24
CA GLU K 115 -10.58 -37.39 17.54
C GLU K 115 -9.48 -37.25 18.59
N PHE K 116 -9.51 -36.14 19.31
CA PHE K 116 -8.58 -35.89 20.39
C PHE K 116 -8.68 -37.03 21.40
N VAL K 117 -7.64 -37.85 21.48
CA VAL K 117 -7.72 -39.04 22.31
C VAL K 117 -7.38 -38.72 23.76
N ASN K 118 -6.28 -38.02 23.98
CA ASN K 118 -5.86 -37.76 25.35
C ASN K 118 -4.88 -36.60 25.33
N GLU K 119 -4.40 -36.22 26.50
CA GLU K 119 -3.35 -35.23 26.63
C GLU K 119 -2.24 -35.80 27.50
N TYR K 120 -1.01 -35.73 27.02
CA TYR K 120 0.13 -36.15 27.81
C TYR K 120 0.42 -35.08 28.85
N VAL K 121 0.61 -35.49 30.10
CA VAL K 121 0.80 -34.54 31.19
C VAL K 121 1.65 -35.21 32.26
N GLY K 122 2.54 -34.44 32.85
CA GLY K 122 3.41 -34.96 33.89
C GLY K 122 4.03 -33.88 34.74
N GLU K 123 5.32 -34.02 35.04
CA GLU K 123 6.05 -33.05 35.83
C GLU K 123 7.07 -32.36 34.94
N LEU K 124 7.09 -31.03 34.99
CA LEU K 124 7.99 -30.25 34.14
C LEU K 124 9.37 -30.17 34.77
N ILE K 125 10.39 -30.63 34.05
CA ILE K 125 11.74 -30.71 34.55
C ILE K 125 12.67 -30.09 33.51
N ASP K 126 13.90 -29.81 33.94
CA ASP K 126 14.91 -29.22 33.07
C ASP K 126 15.81 -30.32 32.51
N LYS K 127 16.82 -29.91 31.76
CA LYS K 127 17.69 -30.88 31.11
C LYS K 127 18.58 -31.60 32.13
N GLU K 128 19.23 -30.85 33.01
CA GLU K 128 20.12 -31.48 33.98
C GLU K 128 19.33 -32.31 34.98
N GLU K 129 18.14 -31.85 35.38
CA GLU K 129 17.30 -32.69 36.21
C GLU K 129 16.85 -33.94 35.46
N CYS K 130 16.60 -33.82 34.16
CA CYS K 130 16.22 -34.99 33.37
C CYS K 130 17.35 -36.02 33.37
N MET K 131 18.58 -35.58 33.12
CA MET K 131 19.69 -36.52 33.12
C MET K 131 19.95 -37.06 34.53
N ALA K 132 19.65 -36.26 35.55
CA ALA K 132 19.74 -36.77 36.92
C ALA K 132 18.76 -37.90 37.14
N ARG K 133 17.52 -37.74 36.67
CA ARG K 133 16.53 -38.79 36.83
C ARG K 133 16.90 -40.03 36.02
N ILE K 134 17.46 -39.83 34.83
CA ILE K 134 17.87 -40.99 34.03
C ILE K 134 19.04 -41.71 34.71
N LYS K 135 19.97 -40.96 35.29
CA LYS K 135 21.04 -41.59 36.07
C LYS K 135 20.48 -42.37 37.24
N HIS K 136 19.58 -41.75 38.01
CA HIS K 136 18.97 -42.43 39.15
C HIS K 136 18.21 -43.67 38.72
N ALA K 137 17.60 -43.63 37.53
CA ALA K 137 16.94 -44.81 36.99
C ALA K 137 17.94 -45.90 36.67
N HIS K 138 19.09 -45.52 36.09
CA HIS K 138 20.14 -46.51 35.82
C HIS K 138 20.69 -47.10 37.10
N GLU K 139 20.73 -46.32 38.18
CA GLU K 139 21.23 -46.82 39.45
C GLU K 139 20.37 -47.95 39.99
N ASN K 140 19.09 -47.96 39.66
CA ASN K 140 18.15 -48.97 40.16
C ASN K 140 17.50 -49.74 39.02
N ASP K 141 18.19 -49.81 37.89
CA ASP K 141 17.75 -50.49 36.66
C ASP K 141 16.26 -50.27 36.38
N ILE K 142 15.83 -49.02 36.49
CA ILE K 142 14.48 -48.67 36.09
C ILE K 142 14.37 -48.79 34.58
N THR K 143 13.34 -49.48 34.10
CA THR K 143 13.18 -49.76 32.68
C THR K 143 12.05 -48.98 32.02
N HIS K 144 11.16 -48.38 32.79
CA HIS K 144 10.04 -47.62 32.25
C HIS K 144 10.36 -46.14 32.35
N PHE K 145 10.39 -45.47 31.20
CA PHE K 145 10.77 -44.07 31.11
C PHE K 145 9.65 -43.29 30.46
N TYR K 146 9.28 -42.18 31.09
CA TYR K 146 8.12 -41.40 30.66
C TYR K 146 8.50 -40.00 30.20
N MET K 147 9.78 -39.76 29.92
CA MET K 147 10.20 -38.44 29.48
C MET K 147 9.64 -38.12 28.10
N LEU K 148 9.47 -36.83 27.84
CA LEU K 148 9.02 -36.37 26.53
C LEU K 148 9.39 -34.91 26.41
N THR K 149 10.38 -34.60 25.57
CA THR K 149 10.90 -33.25 25.48
C THR K 149 9.86 -32.33 24.86
N ILE K 150 9.33 -31.41 25.65
CA ILE K 150 8.39 -30.45 25.07
C ILE K 150 9.15 -29.32 24.40
N ASP K 151 10.33 -28.96 24.90
CA ASP K 151 11.24 -28.06 24.19
C ASP K 151 12.55 -28.05 24.95
N LYS K 152 13.55 -27.38 24.38
CA LYS K 152 14.80 -27.22 25.10
C LYS K 152 14.53 -26.50 26.42
N ASP K 153 15.10 -27.04 27.49
CA ASP K 153 14.97 -26.60 28.88
C ASP K 153 13.65 -27.04 29.52
N ARG K 154 12.76 -27.73 28.80
CA ARG K 154 11.53 -28.21 29.41
C ARG K 154 11.21 -29.60 28.89
N ILE K 155 11.11 -30.56 29.81
CA ILE K 155 10.76 -31.93 29.49
C ILE K 155 9.64 -32.37 30.43
N ILE K 156 8.69 -33.09 29.90
CA ILE K 156 7.65 -33.70 30.70
C ILE K 156 8.17 -35.02 31.23
N ASP K 157 7.87 -35.33 32.48
CA ASP K 157 8.19 -36.62 33.07
C ASP K 157 6.92 -37.16 33.70
N ALA K 158 6.30 -38.14 33.04
CA ALA K 158 5.06 -38.73 33.52
C ALA K 158 5.30 -39.89 34.47
N GLY K 159 6.49 -39.99 35.05
CA GLY K 159 6.81 -41.08 35.94
C GLY K 159 6.06 -40.98 37.25
N PRO K 160 6.40 -39.99 38.07
CA PRO K 160 5.71 -39.84 39.35
C PRO K 160 4.29 -39.34 39.20
N LYS K 161 4.07 -38.33 38.37
CA LYS K 161 2.77 -37.70 38.21
C LYS K 161 2.35 -37.75 36.76
N GLY K 162 1.09 -38.10 36.52
CA GLY K 162 0.60 -38.15 35.15
C GLY K 162 -0.86 -38.54 35.10
N ASN K 163 -1.31 -38.86 33.89
CA ASN K 163 -2.66 -39.30 33.67
C ASN K 163 -2.66 -40.64 32.95
N TYR K 164 -3.81 -41.08 32.44
CA TYR K 164 -3.88 -42.36 31.76
C TYR K 164 -3.01 -42.39 30.52
N SER K 165 -2.72 -41.23 29.92
CA SER K 165 -1.95 -41.20 28.68
C SER K 165 -0.57 -41.81 28.85
N ARG K 166 -0.01 -41.78 30.05
CA ARG K 166 1.31 -42.36 30.26
C ARG K 166 1.31 -43.88 30.09
N PHE K 167 0.15 -44.49 29.88
CA PHE K 167 0.05 -45.93 29.65
C PHE K 167 -0.23 -46.26 28.19
N MET K 168 0.38 -45.51 27.28
CA MET K 168 0.36 -45.81 25.86
C MET K 168 1.75 -46.26 25.45
N ASN K 169 1.83 -47.32 24.66
CA ASN K 169 3.10 -47.92 24.32
C ASN K 169 3.51 -47.53 22.91
N HIS K 170 4.80 -47.67 22.63
CA HIS K 170 5.31 -47.39 21.30
C HIS K 170 5.00 -48.55 20.36
N SER K 171 4.61 -48.22 19.14
CA SER K 171 4.47 -49.22 18.10
C SER K 171 4.94 -48.61 16.79
N CYS K 172 5.77 -49.35 16.06
CA CYS K 172 6.36 -48.82 14.83
C CYS K 172 5.30 -48.49 13.79
N GLN K 173 4.11 -49.08 13.89
CA GLN K 173 2.99 -48.74 13.02
C GLN K 173 1.84 -48.38 13.96
N PRO K 174 1.77 -47.13 14.40
CA PRO K 174 0.84 -46.75 15.45
C PRO K 174 -0.54 -46.38 14.90
N ASN K 175 -1.47 -46.16 15.82
CA ASN K 175 -2.78 -45.64 15.51
C ASN K 175 -3.05 -44.30 16.15
N CYS K 176 -2.09 -43.74 16.88
CA CYS K 176 -2.20 -42.43 17.48
C CYS K 176 -0.88 -41.70 17.31
N GLU K 177 -0.89 -40.41 17.64
CA GLU K 177 0.29 -39.58 17.46
C GLU K 177 0.28 -38.47 18.49
N THR K 178 1.45 -37.88 18.72
CA THR K 178 1.58 -36.72 19.60
C THR K 178 1.66 -35.47 18.75
N LEU K 179 0.80 -34.50 19.04
CA LEU K 179 0.84 -33.21 18.37
C LEU K 179 0.92 -32.13 19.42
N LYS K 180 1.69 -31.10 19.14
CA LYS K 180 1.79 -29.96 20.05
C LYS K 180 0.72 -28.95 19.71
N TRP K 181 -0.07 -28.58 20.71
CA TRP K 181 -0.99 -27.47 20.64
C TRP K 181 -0.50 -26.37 21.54
N THR K 182 -1.00 -25.16 21.33
CA THR K 182 -0.72 -24.05 22.23
C THR K 182 -2.02 -23.66 22.90
N VAL K 183 -2.08 -23.87 24.21
CA VAL K 183 -3.26 -23.61 25.03
C VAL K 183 -2.86 -22.60 26.09
N ASN K 184 -3.65 -21.54 26.21
CA ASN K 184 -3.38 -20.46 27.15
C ASN K 184 -1.95 -19.97 27.02
N GLY K 185 -1.48 -19.86 25.78
CA GLY K 185 -0.16 -19.32 25.53
C GLY K 185 0.99 -20.23 25.84
N ASP K 186 0.75 -21.50 26.16
CA ASP K 186 1.84 -22.41 26.44
C ASP K 186 1.64 -23.72 25.70
N THR K 187 2.75 -24.39 25.41
CA THR K 187 2.72 -25.63 24.66
C THR K 187 2.20 -26.78 25.51
N ARG K 188 1.35 -27.60 24.92
CA ARG K 188 0.87 -28.83 25.53
C ARG K 188 0.85 -29.90 24.45
N VAL K 189 0.95 -31.15 24.85
CA VAL K 189 1.08 -32.25 23.91
C VAL K 189 -0.14 -33.13 24.02
N GLY K 190 -0.81 -33.36 22.91
CA GLY K 190 -2.03 -34.15 22.89
C GLY K 190 -1.90 -35.34 21.97
N LEU K 191 -2.42 -36.47 22.43
CA LEU K 191 -2.45 -37.69 21.66
C LEU K 191 -3.73 -37.71 20.83
N PHE K 192 -3.57 -37.82 19.52
CA PHE K 192 -4.66 -37.79 18.56
C PHE K 192 -4.73 -39.10 17.81
N ALA K 193 -5.92 -39.39 17.28
CA ALA K 193 -6.17 -40.63 16.56
C ALA K 193 -5.82 -40.44 15.10
N VAL K 194 -4.93 -41.28 14.58
CA VAL K 194 -4.49 -41.18 13.20
C VAL K 194 -5.27 -42.08 12.26
N CYS K 195 -6.10 -42.97 12.80
CA CYS K 195 -6.90 -43.87 11.97
C CYS K 195 -8.16 -44.20 12.74
N ASP K 196 -9.16 -44.70 12.01
CA ASP K 196 -10.43 -45.06 12.63
C ASP K 196 -10.22 -46.28 13.50
N ILE K 197 -10.12 -46.05 14.81
CA ILE K 197 -9.82 -47.12 15.77
C ILE K 197 -11.14 -47.63 16.32
N PRO K 198 -11.53 -48.87 16.03
CA PRO K 198 -12.65 -49.48 16.77
C PRO K 198 -12.22 -49.81 18.18
N ALA K 199 -13.21 -49.90 19.07
CA ALA K 199 -12.93 -50.23 20.46
C ALA K 199 -12.28 -51.61 20.55
N GLY K 200 -11.76 -51.90 21.73
CA GLY K 200 -11.05 -53.16 21.92
C GLY K 200 -9.63 -53.08 21.42
N THR K 201 -9.39 -52.24 20.42
CA THR K 201 -8.05 -52.04 19.89
C THR K 201 -7.22 -51.27 20.90
N GLU K 202 -6.06 -51.81 21.25
CA GLU K 202 -5.16 -51.10 22.15
C GLU K 202 -4.57 -49.88 21.45
N LEU K 203 -4.41 -48.79 22.20
CA LEU K 203 -3.90 -47.55 21.65
C LEU K 203 -2.39 -47.47 21.81
N THR K 204 -1.73 -46.99 20.77
CA THR K 204 -0.28 -46.90 20.79
C THR K 204 0.19 -45.85 19.80
N PHE K 205 1.16 -45.05 20.22
CA PHE K 205 1.72 -44.02 19.37
C PHE K 205 3.22 -44.22 19.27
N ASN K 206 3.80 -43.78 18.17
CA ASN K 206 5.25 -43.85 18.00
C ASN K 206 5.91 -42.82 18.88
N TYR K 207 6.77 -43.26 19.80
CA TYR K 207 7.50 -42.32 20.63
C TYR K 207 8.37 -41.40 19.79
N ASN K 208 8.73 -41.84 18.59
CA ASN K 208 9.36 -41.03 17.55
C ASN K 208 10.82 -40.71 17.88
N LEU K 209 11.26 -41.01 19.10
CA LEU K 209 12.67 -41.18 19.42
C LEU K 209 12.79 -41.58 20.87
N ASP K 210 13.77 -42.41 21.20
CA ASP K 210 14.05 -42.66 22.60
C ASP K 210 15.53 -42.82 22.92
N CYS K 211 16.40 -42.83 21.91
CA CYS K 211 17.81 -43.14 22.13
C CYS K 211 18.54 -41.85 22.46
N LEU K 212 19.05 -41.77 23.69
CA LEU K 212 19.96 -40.69 24.06
C LEU K 212 21.42 -41.14 23.97
N GLY K 213 21.81 -42.13 24.78
CA GLY K 213 23.15 -42.67 24.71
C GLY K 213 23.25 -44.14 25.02
N ASN K 214 22.11 -44.82 25.15
CA ASN K 214 22.07 -46.14 25.75
C ASN K 214 21.63 -47.20 24.75
N GLU K 215 21.54 -48.43 25.23
CA GLU K 215 21.59 -49.64 24.41
C GLU K 215 20.33 -49.89 23.60
N LYS K 216 19.37 -48.98 23.45
CA LYS K 216 18.27 -49.17 22.50
C LYS K 216 17.48 -50.43 22.83
N THR K 217 16.78 -50.36 23.97
CA THR K 217 15.87 -51.42 24.40
C THR K 217 15.06 -51.97 23.24
N VAL K 218 14.94 -53.30 23.20
CA VAL K 218 14.25 -53.95 22.09
C VAL K 218 12.81 -53.49 22.01
N CYS K 219 12.29 -53.37 20.80
CA CYS K 219 10.93 -52.94 20.55
C CYS K 219 10.10 -54.19 20.22
N ARG K 220 9.42 -54.71 21.23
CA ARG K 220 8.50 -55.84 21.02
C ARG K 220 7.09 -55.34 20.67
N CYS K 221 7.02 -54.43 19.71
CA CYS K 221 5.73 -53.84 19.36
C CYS K 221 4.85 -54.82 18.61
N GLY K 222 5.41 -55.53 17.63
CA GLY K 222 4.64 -56.44 16.81
C GLY K 222 4.16 -55.88 15.49
N ALA K 223 4.61 -54.69 15.10
CA ALA K 223 4.22 -54.13 13.81
C ALA K 223 4.91 -54.89 12.67
N SER K 224 4.26 -54.84 11.50
CA SER K 224 4.85 -55.48 10.33
C SER K 224 6.19 -54.84 9.96
N ASN K 225 6.26 -53.51 10.03
CA ASN K 225 7.50 -52.79 9.75
C ASN K 225 8.27 -52.47 11.02
N CYS K 226 8.20 -53.33 12.04
CA CYS K 226 8.87 -53.04 13.29
C CYS K 226 10.37 -52.89 13.05
N SER K 227 10.95 -51.84 13.60
CA SER K 227 12.38 -51.60 13.51
C SER K 227 13.16 -52.39 14.54
N GLY K 228 12.54 -53.37 15.18
CA GLY K 228 13.23 -54.23 16.12
C GLY K 228 13.53 -53.55 17.44
N PHE K 229 14.26 -52.44 17.37
CA PHE K 229 14.57 -51.63 18.54
C PHE K 229 13.76 -50.33 18.48
N LEU K 230 14.00 -49.46 19.46
CA LEU K 230 13.31 -48.18 19.52
C LEU K 230 14.05 -47.17 18.65
N GLY K 231 13.87 -47.31 17.34
CA GLY K 231 14.50 -46.42 16.38
C GLY K 231 14.48 -46.96 14.96
#